data_6JK9
#
_entry.id   6JK9
#
_cell.length_a   55.375
_cell.length_b   103.667
_cell.length_c   185.438
_cell.angle_alpha   90.00
_cell.angle_beta   90.00
_cell.angle_gamma   90.00
#
_symmetry.space_group_name_H-M   'P 21 21 21'
#
loop_
_entity.id
_entity.type
_entity.pdbx_description
1 polymer Chitinase
2 non-polymer 6-azanyl-2-oxidanylidene-N-[(1S)-1-phenylethyl]-7-(phenylmethyl)-1$l^{4},9-diaza-7-azoniatricyclo[8.4.0.0^{3,8}]tetradeca-1(14),3(8),4,6,10,12-hexaene-5-carboxamide
3 water water
#
_entity_poly.entity_id   1
_entity_poly.type   'polypeptide(L)'
_entity_poly.pdbx_seq_one_letter_code
;TRKAVIGYYFIPTNQINNYTETDTSVVPFPVSNITPAKAKQLTHINFSFLDINSNLECAWDPATNDAKARDVVNRLTALK
AHNPSLRIMFSIGGWYYSNDLGVSHANYVNAVKTPASRAKFAQSCVRIMKDYGFDGVDIDWEYPQAAEVDGFIAALQEIR
TLLNQQTITDGRQALPYQLTIAGAGGAFFLSRYYSKLAQIVAPLDYINLMTYDLAGPWEKVTNHQAALFGDAAGPTFYNA
LREANLGWSWEELTRAFPSPFSLTVDAAVQQHLMMEGVPSAKIVMGVPFYGRAFKGVSGGNGGQYSSHSTPGEDPYPSTD
YWLVGCEECVRDKDPRIASYRQLEQMLQGNYGYQRLWNDKTKTPYLYHAQNGLFVTYDDAESFKYKAKYIKQQQLGGVMF
WHLGQDNRNGDLLAALDRYFNAADYDDSQLDMGTGLRYTGVGPGNLPIMTAPAYVPGTTYAQGALVSYQGYVWQTKWGYI
TSAPGSDSAWLKVGRV
;
_entity_poly.pdbx_strand_id   A,B
#
loop_
_chem_comp.id
_chem_comp.type
_chem_comp.name
_chem_comp.formula
BU0 non-polymer 6-azanyl-2-oxidanylidene-N-[(1S)-1-phenylethyl]-7-(phenylmethyl)-1$l^{4},9-diaza-7-azoniatricyclo[8.4.0.0^{3,8}]tetradeca-1(14),3(8),4,6,10,12-hexaene-5-carboxamide 'C27 H25 N5 O2 2'
#
# COMPACT_ATOMS: atom_id res chain seq x y z
N THR A 1 37.27 2.76 13.60
CA THR A 1 36.33 3.08 14.66
C THR A 1 36.01 1.84 15.50
N ARG A 2 36.25 1.95 16.81
CA ARG A 2 35.96 0.85 17.71
C ARG A 2 34.45 0.59 17.77
N LYS A 3 34.08 -0.68 17.72
CA LYS A 3 32.68 -1.05 17.81
C LYS A 3 32.18 -0.81 19.23
N ALA A 4 30.93 -0.35 19.33
CA ALA A 4 30.32 -0.16 20.64
C ALA A 4 30.01 -1.50 21.29
N VAL A 5 30.18 -1.58 22.62
CA VAL A 5 29.76 -2.73 23.42
C VAL A 5 28.97 -2.16 24.59
N ILE A 6 27.65 -2.22 24.50
CA ILE A 6 26.74 -1.55 25.42
C ILE A 6 26.07 -2.62 26.28
N GLY A 7 26.42 -2.64 27.57
CA GLY A 7 25.82 -3.60 28.46
C GLY A 7 24.84 -2.98 29.43
N TYR A 8 23.60 -3.47 29.43
CA TYR A 8 22.62 -3.00 30.39
C TYR A 8 22.97 -3.52 31.78
N TYR A 9 22.90 -2.64 32.76
CA TYR A 9 22.92 -3.04 34.16
C TYR A 9 21.54 -2.72 34.73
N PHE A 10 20.76 -3.75 35.00
CA PHE A 10 19.44 -3.59 35.58
C PHE A 10 19.48 -4.03 37.03
N ILE A 11 18.89 -3.23 37.90
CA ILE A 11 18.83 -3.59 39.32
C ILE A 11 17.52 -3.06 39.87
N PRO A 12 16.63 -3.93 40.36
CA PRO A 12 15.31 -3.48 40.81
C PRO A 12 15.41 -2.57 42.02
N THR A 13 14.33 -1.84 42.26
CA THR A 13 14.30 -0.90 43.39
C THR A 13 14.60 -1.59 44.71
N ASN A 14 14.03 -2.77 44.95
CA ASN A 14 14.29 -3.46 46.21
C ASN A 14 15.78 -3.78 46.36
N GLN A 15 16.43 -4.17 45.25
CA GLN A 15 17.87 -4.45 45.33
C GLN A 15 18.68 -3.19 45.56
N ILE A 16 18.26 -2.06 45.01
CA ILE A 16 18.96 -0.80 45.29
C ILE A 16 18.81 -0.43 46.75
N ASN A 17 17.58 -0.52 47.27
CA ASN A 17 17.30 -0.11 48.65
C ASN A 17 18.01 -0.96 49.68
N ASN A 18 18.37 -2.20 49.33
CA ASN A 18 19.06 -3.11 50.23
C ASN A 18 20.41 -3.51 49.66
N TYR A 19 21.03 -2.61 48.90
CA TYR A 19 22.23 -2.96 48.14
C TYR A 19 23.32 -3.50 49.06
N THR A 20 23.94 -4.59 48.62
CA THR A 20 25.08 -5.19 49.29
C THR A 20 25.95 -5.89 48.27
N GLU A 21 27.25 -5.89 48.52
CA GLU A 21 28.21 -6.60 47.69
C GLU A 21 28.70 -7.89 48.32
N THR A 22 28.03 -8.35 49.39
CA THR A 22 28.48 -9.50 50.16
C THR A 22 27.43 -10.60 50.27
N ASP A 23 26.29 -10.48 49.58
CA ASP A 23 25.21 -11.46 49.78
C ASP A 23 24.41 -11.58 48.47
N THR A 24 24.65 -12.68 47.74
CA THR A 24 24.00 -12.92 46.46
C THR A 24 22.50 -13.24 46.58
N SER A 25 22.02 -13.55 47.78
CA SER A 25 20.58 -13.78 47.94
C SER A 25 19.80 -12.48 47.89
N VAL A 26 20.43 -11.36 48.20
CA VAL A 26 19.80 -10.04 48.16
C VAL A 26 20.17 -9.29 46.89
N VAL A 27 21.45 -9.29 46.54
CA VAL A 27 21.90 -8.68 45.28
C VAL A 27 22.69 -9.72 44.51
N PRO A 28 22.08 -10.40 43.54
CA PRO A 28 22.80 -11.46 42.82
C PRO A 28 24.00 -10.97 42.02
N PHE A 29 23.97 -9.75 41.50
CA PHE A 29 25.07 -9.22 40.69
C PHE A 29 25.41 -7.80 41.10
N PRO A 30 26.15 -7.62 42.19
CA PRO A 30 26.58 -6.27 42.57
C PRO A 30 27.61 -5.73 41.60
N VAL A 31 27.81 -4.40 41.64
CA VAL A 31 28.76 -3.73 40.77
C VAL A 31 30.18 -4.28 40.95
N SER A 32 30.49 -4.79 42.14
CA SER A 32 31.80 -5.37 42.44
C SER A 32 32.22 -6.41 41.41
N ASN A 33 31.25 -7.08 40.79
CA ASN A 33 31.53 -8.13 39.83
C ASN A 33 32.19 -7.61 38.56
N ILE A 34 32.11 -6.30 38.30
CA ILE A 34 32.71 -5.71 37.10
C ILE A 34 34.11 -5.22 37.47
N THR A 35 35.09 -6.02 37.14
CA THR A 35 36.48 -5.74 37.44
C THR A 35 37.04 -4.71 36.47
N PRO A 36 38.23 -4.18 36.74
CA PRO A 36 38.85 -3.31 35.73
C PRO A 36 38.97 -3.96 34.38
N ALA A 37 39.24 -5.28 34.34
CA ALA A 37 39.31 -5.99 33.06
C ALA A 37 37.97 -5.96 32.35
N LYS A 38 36.88 -6.18 33.09
CA LYS A 38 35.57 -6.16 32.48
C LYS A 38 35.18 -4.74 32.08
N ALA A 39 35.57 -3.75 32.89
CA ALA A 39 35.28 -2.36 32.57
C ALA A 39 35.92 -1.93 31.26
N LYS A 40 37.10 -2.49 30.94
CA LYS A 40 37.77 -2.15 29.68
C LYS A 40 37.11 -2.80 28.48
N GLN A 41 36.31 -3.85 28.70
CA GLN A 41 35.61 -4.54 27.64
C GLN A 41 34.27 -3.88 27.29
N LEU A 42 33.85 -2.91 28.08
CA LEU A 42 32.62 -2.15 27.85
C LEU A 42 32.92 -0.77 27.29
N THR A 43 32.05 -0.30 26.42
CA THR A 43 32.08 1.11 26.01
C THR A 43 30.97 1.92 26.67
N HIS A 44 29.85 1.27 26.97
CA HIS A 44 28.70 1.89 27.62
C HIS A 44 28.11 0.93 28.65
N ILE A 45 27.67 1.48 29.78
CA ILE A 45 26.80 0.75 30.69
C ILE A 45 25.48 1.53 30.77
N ASN A 46 24.39 0.88 30.38
CA ASN A 46 23.07 1.48 30.48
C ASN A 46 22.48 1.08 31.83
N PHE A 47 22.59 1.97 32.81
CA PHE A 47 21.93 1.75 34.08
C PHE A 47 20.42 1.84 33.89
N SER A 48 19.70 0.86 34.43
CA SER A 48 18.27 0.75 34.17
C SER A 48 17.58 0.22 35.41
N PHE A 49 16.35 0.69 35.66
CA PHE A 49 15.65 1.67 34.83
C PHE A 49 15.22 2.92 35.59
N LEU A 50 15.23 4.05 34.91
CA LEU A 50 14.50 5.22 35.38
C LEU A 50 13.21 5.36 34.60
N ASP A 51 12.37 6.29 35.04
CA ASP A 51 11.00 6.37 34.56
C ASP A 51 10.63 7.81 34.32
N ILE A 52 9.43 8.01 33.77
CA ILE A 52 8.79 9.31 33.64
C ILE A 52 7.61 9.32 34.59
N ASN A 53 7.59 10.27 35.52
CA ASN A 53 6.51 10.33 36.49
C ASN A 53 5.31 11.09 35.92
N SER A 54 4.26 11.19 36.74
CA SER A 54 3.04 11.88 36.32
C SER A 54 3.21 13.38 36.17
N ASN A 55 4.32 13.93 36.65
CA ASN A 55 4.62 15.33 36.37
C ASN A 55 5.26 15.51 35.02
N LEU A 56 5.33 14.42 34.24
CA LEU A 56 5.91 14.43 32.90
C LEU A 56 7.37 14.85 32.94
N GLU A 57 8.08 14.35 33.96
CA GLU A 57 9.51 14.57 34.09
C GLU A 57 10.19 13.24 34.33
N CYS A 58 11.44 13.15 33.90
CA CYS A 58 12.26 11.99 34.20
C CYS A 58 12.52 11.92 35.69
N ALA A 59 12.35 10.74 36.28
CA ALA A 59 12.57 10.60 37.71
C ALA A 59 12.83 9.13 38.05
N TRP A 60 13.42 8.92 39.22
CA TRP A 60 13.56 7.58 39.76
C TRP A 60 12.21 7.10 40.26
N ASP A 61 12.11 5.77 40.41
CA ASP A 61 10.99 5.15 41.08
C ASP A 61 10.79 5.82 42.43
N PRO A 62 9.58 6.32 42.75
CA PRO A 62 9.37 7.02 44.02
C PRO A 62 9.78 6.22 45.25
N ALA A 63 9.83 4.89 45.13
CA ALA A 63 10.20 4.04 46.25
C ALA A 63 11.72 3.87 46.40
N THR A 64 12.50 4.51 45.53
CA THR A 64 13.95 4.37 45.58
C THR A 64 14.51 5.20 46.72
N ASN A 65 15.48 4.63 47.43
CA ASN A 65 16.23 5.37 48.43
C ASN A 65 17.31 6.11 47.67
N ASP A 66 17.22 7.45 47.67
CA ASP A 66 18.12 8.25 46.85
C ASP A 66 19.59 8.04 47.21
N ALA A 67 19.90 7.97 48.51
CA ALA A 67 21.29 7.81 48.89
C ALA A 67 21.85 6.48 48.39
N LYS A 68 21.08 5.39 48.53
CA LYS A 68 21.54 4.10 48.03
C LYS A 68 21.65 4.10 46.51
N ALA A 69 20.71 4.77 45.83
CA ALA A 69 20.80 4.85 44.37
C ALA A 69 22.05 5.59 43.94
N ARG A 70 22.39 6.69 44.62
CA ARG A 70 23.61 7.40 44.29
C ARG A 70 24.83 6.52 44.52
N ASP A 71 24.78 5.70 45.57
CA ASP A 71 25.89 4.79 45.85
C ASP A 71 26.07 3.78 44.72
N VAL A 72 24.96 3.23 44.22
CA VAL A 72 25.05 2.27 43.12
C VAL A 72 25.65 2.93 41.89
N VAL A 73 25.16 4.13 41.54
CA VAL A 73 25.66 4.84 40.36
C VAL A 73 27.15 5.14 40.50
N ASN A 74 27.57 5.56 41.70
CA ASN A 74 28.98 5.89 41.91
C ASN A 74 29.86 4.67 41.71
N ARG A 75 29.38 3.50 42.09
CA ARG A 75 30.17 2.30 41.84
C ARG A 75 30.32 2.04 40.35
N LEU A 76 29.31 2.40 39.56
CA LEU A 76 29.43 2.26 38.11
C LEU A 76 30.31 3.35 37.52
N THR A 77 30.12 4.60 37.94
CA THR A 77 30.92 5.68 37.35
C THR A 77 32.38 5.60 37.77
N ALA A 78 32.68 5.00 38.93
CA ALA A 78 34.08 4.82 39.32
C ALA A 78 34.82 3.93 38.33
N LEU A 79 34.09 3.03 37.66
CA LEU A 79 34.71 2.14 36.67
C LEU A 79 35.37 2.93 35.55
N LYS A 80 34.99 4.19 35.38
CA LYS A 80 35.54 5.03 34.33
C LYS A 80 37.04 5.28 34.52
N ALA A 81 37.54 5.11 35.74
CA ALA A 81 38.97 5.23 35.99
C ALA A 81 39.77 4.15 35.30
N HIS A 82 39.16 2.99 35.05
CA HIS A 82 39.83 1.87 34.38
C HIS A 82 39.65 1.89 32.87
N ASN A 83 38.80 2.78 32.35
CA ASN A 83 38.50 2.84 30.92
C ASN A 83 38.10 4.27 30.61
N PRO A 84 39.01 5.08 30.05
CA PRO A 84 38.68 6.49 29.76
C PRO A 84 37.67 6.65 28.63
N SER A 85 37.26 5.58 27.96
CA SER A 85 36.21 5.66 26.94
C SER A 85 34.85 5.25 27.46
N LEU A 86 34.75 4.72 28.67
CA LEU A 86 33.50 4.18 29.18
C LEU A 86 32.50 5.28 29.52
N ARG A 87 31.25 5.06 29.14
CA ARG A 87 30.15 5.93 29.50
C ARG A 87 29.16 5.15 30.35
N ILE A 88 28.71 5.74 31.45
CA ILE A 88 27.65 5.17 32.26
C ILE A 88 26.36 5.89 31.86
N MET A 89 25.60 5.28 30.98
CA MET A 89 24.32 5.84 30.58
C MET A 89 23.25 5.45 31.60
N PHE A 90 22.12 6.14 31.54
CA PHE A 90 20.93 5.69 32.25
C PHE A 90 19.79 5.60 31.25
N SER A 91 18.94 4.58 31.42
CA SER A 91 17.85 4.29 30.52
C SER A 91 16.54 4.68 31.16
N ILE A 92 15.68 5.35 30.39
CA ILE A 92 14.33 5.69 30.81
C ILE A 92 13.40 4.72 30.11
N GLY A 93 12.61 3.98 30.89
CA GLY A 93 11.61 3.11 30.30
C GLY A 93 11.74 1.65 30.65
N GLY A 94 11.86 0.82 29.62
CA GLY A 94 11.76 -0.61 29.79
C GLY A 94 10.33 -1.08 29.62
N TRP A 95 10.18 -2.40 29.47
CA TRP A 95 8.86 -2.98 29.21
C TRP A 95 7.88 -2.67 30.32
N TYR A 96 8.26 -2.93 31.58
CA TYR A 96 7.35 -2.79 32.71
C TYR A 96 6.81 -1.36 32.83
N TYR A 97 7.66 -0.36 32.61
CA TYR A 97 7.22 1.03 32.74
C TYR A 97 6.45 1.52 31.52
N SER A 98 6.92 1.18 30.32
CA SER A 98 6.53 1.93 29.12
C SER A 98 5.63 1.16 28.16
N ASN A 99 5.32 -0.11 28.41
CA ASN A 99 4.45 -0.81 27.48
C ASN A 99 3.02 -0.26 27.57
N ASP A 100 2.23 -0.52 26.53
CA ASP A 100 0.91 0.09 26.40
C ASP A 100 0.10 -0.03 27.69
N LEU A 101 0.19 -1.18 28.35
CA LEU A 101 -0.54 -1.43 29.58
C LEU A 101 0.33 -1.28 30.82
N GLY A 102 1.49 -0.63 30.68
CA GLY A 102 2.39 -0.43 31.80
C GLY A 102 1.98 0.72 32.71
N VAL A 103 2.51 0.67 33.93
CA VAL A 103 2.13 1.58 35.01
C VAL A 103 2.29 3.05 34.60
N SER A 104 3.31 3.37 33.80
CA SER A 104 3.63 4.76 33.50
C SER A 104 3.46 5.13 32.03
N HIS A 105 2.80 4.29 31.23
CA HIS A 105 2.72 4.54 29.80
C HIS A 105 2.17 5.92 29.46
N ALA A 106 1.13 6.36 30.19
CA ALA A 106 0.53 7.65 29.88
C ALA A 106 1.53 8.79 30.04
N ASN A 107 2.46 8.66 30.99
CA ASN A 107 3.45 9.70 31.23
C ASN A 107 4.39 9.87 30.03
N TYR A 108 4.72 8.78 29.35
CA TYR A 108 5.52 8.89 28.14
C TYR A 108 4.73 9.56 27.02
N VAL A 109 3.47 9.15 26.83
CA VAL A 109 2.64 9.71 25.76
C VAL A 109 2.44 11.20 25.98
N ASN A 110 2.23 11.62 27.23
CA ASN A 110 1.93 13.01 27.51
C ASN A 110 3.19 13.88 27.53
N ALA A 111 4.33 13.32 27.90
CA ALA A 111 5.54 14.13 28.01
C ALA A 111 5.97 14.72 26.66
N VAL A 112 5.70 14.00 25.56
CA VAL A 112 6.18 14.39 24.24
C VAL A 112 5.17 15.17 23.40
N LYS A 113 4.03 15.57 23.96
CA LYS A 113 2.93 16.12 23.17
C LYS A 113 3.18 17.55 22.68
N THR A 114 3.69 18.42 23.54
CA THR A 114 3.78 19.84 23.23
C THR A 114 5.18 20.37 23.37
N PRO A 115 5.48 21.53 22.78
CA PRO A 115 6.81 22.12 22.97
C PRO A 115 7.13 22.34 24.44
N ALA A 116 6.13 22.77 25.21
CA ALA A 116 6.35 23.01 26.64
C ALA A 116 6.61 21.72 27.39
N SER A 117 5.83 20.67 27.10
CA SER A 117 6.02 19.40 27.80
C SER A 117 7.33 18.74 27.39
N ARG A 118 7.68 18.84 26.11
CA ARG A 118 8.95 18.27 25.65
C ARG A 118 10.13 19.01 26.27
N ALA A 119 10.09 20.35 26.28
CA ALA A 119 11.16 21.10 26.90
C ALA A 119 11.30 20.76 28.38
N LYS A 120 10.17 20.66 29.09
CA LYS A 120 10.23 20.30 30.50
C LYS A 120 10.80 18.91 30.72
N PHE A 121 10.40 17.95 29.87
CA PHE A 121 10.93 16.59 30.02
C PHE A 121 12.40 16.53 29.65
N ALA A 122 12.79 17.16 28.54
CA ALA A 122 14.19 17.12 28.12
C ALA A 122 15.09 17.72 29.19
N GLN A 123 14.67 18.84 29.79
CA GLN A 123 15.51 19.45 30.83
C GLN A 123 15.64 18.55 32.04
N SER A 124 14.57 17.82 32.37
CA SER A 124 14.62 16.87 33.48
C SER A 124 15.62 15.75 33.18
N CYS A 125 15.76 15.36 31.90
CA CYS A 125 16.74 14.34 31.56
C CYS A 125 18.17 14.82 31.81
N VAL A 126 18.50 16.04 31.38
CA VAL A 126 19.85 16.58 31.63
C VAL A 126 20.07 16.78 33.12
N ARG A 127 19.04 17.25 33.83
CA ARG A 127 19.20 17.51 35.26
C ARG A 127 19.44 16.21 36.03
N ILE A 128 18.80 15.13 35.64
CA ILE A 128 19.06 13.84 36.25
C ILE A 128 20.46 13.36 35.88
N MET A 129 20.85 13.54 34.62
CA MET A 129 22.15 13.07 34.16
C MET A 129 23.29 13.72 34.93
N LYS A 130 23.25 15.04 35.09
CA LYS A 130 24.33 15.74 35.78
C LYS A 130 24.28 15.49 37.28
N ASP A 131 23.09 15.43 37.87
CA ASP A 131 22.99 15.28 39.32
C ASP A 131 23.57 13.96 39.80
N TYR A 132 23.44 12.90 39.00
CA TYR A 132 23.89 11.58 39.45
C TYR A 132 25.20 11.15 38.80
N GLY A 133 25.72 11.92 37.85
CA GLY A 133 27.00 11.62 37.25
C GLY A 133 26.94 10.72 36.04
N PHE A 134 25.79 10.62 35.38
CA PHE A 134 25.66 9.81 34.18
C PHE A 134 26.31 10.53 33.00
N ASP A 135 26.59 9.75 31.95
CA ASP A 135 27.29 10.26 30.79
C ASP A 135 26.41 10.37 29.55
N GLY A 136 25.13 10.09 29.67
CA GLY A 136 24.25 10.19 28.52
C GLY A 136 22.87 9.71 28.91
N VAL A 137 21.96 9.83 27.94
CA VAL A 137 20.55 9.52 28.12
C VAL A 137 20.14 8.46 27.10
N ASP A 138 19.51 7.40 27.58
CA ASP A 138 18.97 6.34 26.73
C ASP A 138 17.47 6.20 26.99
N ILE A 139 16.67 6.21 25.93
CA ILE A 139 15.22 6.13 26.03
C ILE A 139 14.77 4.74 25.57
N ASP A 140 14.02 4.04 26.40
CA ASP A 140 13.55 2.72 26.04
C ASP A 140 12.05 2.64 26.25
N TRP A 141 11.34 3.24 25.31
CA TRP A 141 9.90 3.24 25.25
C TRP A 141 9.46 2.12 24.33
N GLU A 142 8.66 1.19 24.86
CA GLU A 142 8.24 0.00 24.13
C GLU A 142 6.72 -0.03 24.04
N TYR A 143 6.14 0.64 23.04
CA TYR A 143 6.79 1.46 22.02
C TYR A 143 5.87 2.64 21.68
N PRO A 144 6.45 3.72 21.15
CA PRO A 144 5.60 4.82 20.68
C PRO A 144 4.74 4.35 19.51
N GLN A 145 3.50 4.80 19.50
CA GLN A 145 2.58 4.45 18.43
C GLN A 145 2.59 5.54 17.35
N ALA A 146 1.97 5.24 16.21
CA ALA A 146 2.16 6.07 15.02
C ALA A 146 1.89 7.54 15.27
N ALA A 147 0.83 7.86 16.02
CA ALA A 147 0.47 9.24 16.27
C ALA A 147 1.39 9.93 17.27
N GLU A 148 2.22 9.16 18.00
CA GLU A 148 3.11 9.73 18.99
C GLU A 148 4.52 9.94 18.48
N VAL A 149 4.85 9.45 17.29
CA VAL A 149 6.23 9.42 16.82
C VAL A 149 6.77 10.83 16.64
N ASP A 150 6.03 11.71 15.97
CA ASP A 150 6.50 13.07 15.72
C ASP A 150 6.83 13.78 17.03
N GLY A 151 5.96 13.64 18.03
CA GLY A 151 6.24 14.24 19.32
C GLY A 151 7.42 13.57 20.00
N PHE A 152 7.51 12.24 19.89
CA PHE A 152 8.66 11.52 20.42
C PHE A 152 9.97 12.02 19.78
N ILE A 153 9.93 12.26 18.48
CA ILE A 153 11.13 12.70 17.76
C ILE A 153 11.53 14.11 18.15
N ALA A 154 10.55 15.01 18.26
CA ALA A 154 10.84 16.36 18.73
C ALA A 154 11.40 16.33 20.15
N ALA A 155 10.99 15.35 20.95
CA ALA A 155 11.57 15.19 22.29
C ALA A 155 13.03 14.74 22.20
N LEU A 156 13.33 13.82 21.30
CA LEU A 156 14.71 13.36 21.14
C LEU A 156 15.58 14.50 20.61
N GLN A 157 15.07 15.26 19.65
CA GLN A 157 15.80 16.43 19.16
C GLN A 157 16.08 17.42 20.28
N GLU A 158 15.10 17.64 21.16
CA GLU A 158 15.26 18.61 22.24
C GLU A 158 16.29 18.15 23.26
N ILE A 159 16.32 16.85 23.56
CA ILE A 159 17.37 16.35 24.45
C ILE A 159 18.74 16.52 23.81
N ARG A 160 18.82 16.28 22.50
CA ARG A 160 20.09 16.41 21.78
C ARG A 160 20.65 17.82 21.92
N THR A 161 19.80 18.83 21.80
CA THR A 161 20.28 20.21 21.91
C THR A 161 20.85 20.49 23.29
N LEU A 162 20.13 20.07 24.35
CA LEU A 162 20.62 20.35 25.69
C LEU A 162 21.84 19.52 26.04
N LEU A 163 21.97 18.32 25.48
CA LEU A 163 23.17 17.54 25.72
C LEU A 163 24.37 18.15 25.03
N ASN A 164 24.21 18.60 23.78
CA ASN A 164 25.30 19.25 23.06
C ASN A 164 25.76 20.51 23.78
N GLN A 165 24.82 21.31 24.28
CA GLN A 165 25.18 22.49 25.06
C GLN A 165 25.86 22.11 26.36
N GLN A 166 25.34 21.08 27.05
CA GLN A 166 25.94 20.62 28.29
C GLN A 166 27.35 20.10 28.06
N THR A 167 27.61 19.50 26.90
CA THR A 167 28.97 19.07 26.59
C THR A 167 29.91 20.27 26.51
N ILE A 168 29.46 21.34 25.85
CA ILE A 168 30.28 22.55 25.76
C ILE A 168 30.46 23.19 27.13
N THR A 169 29.38 23.29 27.91
CA THR A 169 29.47 23.92 29.22
C THR A 169 30.43 23.18 30.15
N ASP A 170 30.51 21.86 30.02
CA ASP A 170 31.33 21.07 30.92
C ASP A 170 32.71 20.75 30.36
N GLY A 171 33.02 21.21 29.15
CA GLY A 171 34.31 20.89 28.56
C GLY A 171 34.50 19.41 28.31
N ARG A 172 33.42 18.72 27.93
CA ARG A 172 33.43 17.27 27.73
C ARG A 172 33.56 16.89 26.26
N GLN A 173 34.21 17.74 25.44
CA GLN A 173 34.38 17.44 24.02
C GLN A 173 35.11 16.12 23.81
N ALA A 174 35.95 15.72 24.78
CA ALA A 174 36.67 14.47 24.69
C ALA A 174 35.76 13.27 24.87
N LEU A 175 34.67 13.44 25.62
CA LEU A 175 33.70 12.36 25.86
C LEU A 175 32.32 13.00 25.89
N PRO A 176 31.78 13.35 24.72
CA PRO A 176 30.51 14.07 24.68
C PRO A 176 29.37 13.26 25.27
N TYR A 177 28.41 13.97 25.85
CA TYR A 177 27.18 13.33 26.31
C TYR A 177 26.42 12.78 25.10
N GLN A 178 25.90 11.57 25.27
CA GLN A 178 25.29 10.83 24.17
C GLN A 178 23.81 10.58 24.42
N LEU A 179 23.08 10.32 23.33
CA LEU A 179 21.66 10.02 23.35
C LEU A 179 21.40 8.77 22.52
N THR A 180 20.72 7.79 23.12
CA THR A 180 20.40 6.55 22.42
C THR A 180 18.97 6.13 22.75
N ILE A 181 18.46 5.21 21.94
CA ILE A 181 17.23 4.48 22.23
C ILE A 181 17.48 3.01 21.93
N ALA A 182 16.66 2.16 22.54
CA ALA A 182 16.47 0.80 22.07
C ALA A 182 15.25 0.78 21.16
N GLY A 183 15.42 0.27 19.95
CA GLY A 183 14.32 0.14 19.03
C GLY A 183 13.86 -1.30 19.01
N ALA A 184 12.67 -1.51 18.44
CA ALA A 184 12.17 -2.87 18.31
C ALA A 184 13.10 -3.69 17.43
N GLY A 185 13.21 -4.98 17.74
CA GLY A 185 13.98 -5.90 16.94
C GLY A 185 13.13 -6.89 16.18
N GLY A 186 11.83 -6.67 16.11
CA GLY A 186 10.94 -7.53 15.35
C GLY A 186 9.89 -6.69 14.67
N ALA A 187 9.40 -7.21 13.53
CA ALA A 187 8.58 -6.41 12.63
C ALA A 187 7.29 -5.91 13.28
N PHE A 188 6.70 -6.67 14.20
CA PHE A 188 5.38 -6.32 14.73
C PHE A 188 5.43 -4.99 15.48
N PHE A 189 6.27 -4.90 16.50
CA PHE A 189 6.41 -3.65 17.24
C PHE A 189 7.11 -2.58 16.40
N LEU A 190 8.03 -2.98 15.52
CA LEU A 190 8.72 -2.02 14.67
C LEU A 190 7.75 -1.27 13.75
N SER A 191 6.69 -1.94 13.30
CA SER A 191 5.76 -1.31 12.36
C SER A 191 5.09 -0.06 12.92
N ARG A 192 5.07 0.08 14.25
CA ARG A 192 4.43 1.26 14.85
C ARG A 192 5.08 2.56 14.37
N TYR A 193 6.41 2.56 14.22
CA TYR A 193 7.13 3.79 13.88
C TYR A 193 8.07 3.63 12.68
N TYR A 194 8.04 2.47 12.01
CA TYR A 194 9.01 2.15 10.97
C TYR A 194 9.15 3.26 9.93
N SER A 195 8.04 3.84 9.48
CA SER A 195 8.10 4.84 8.42
C SER A 195 8.95 6.05 8.80
N LYS A 196 9.11 6.34 10.09
CA LYS A 196 9.81 7.55 10.52
C LYS A 196 11.14 7.22 11.18
N LEU A 197 11.78 6.14 10.71
CA LEU A 197 13.05 5.73 11.31
C LEU A 197 14.11 6.79 11.15
N ALA A 198 14.17 7.43 9.97
CA ALA A 198 15.25 8.39 9.71
C ALA A 198 15.21 9.55 10.68
N GLN A 199 14.04 10.18 10.84
CA GLN A 199 13.93 11.28 11.77
C GLN A 199 14.08 10.84 13.22
N ILE A 200 13.75 9.59 13.54
CA ILE A 200 13.98 9.09 14.90
C ILE A 200 15.47 8.95 15.16
N VAL A 201 16.21 8.39 14.22
CA VAL A 201 17.63 8.12 14.40
C VAL A 201 18.49 9.38 14.29
N ALA A 202 18.04 10.37 13.52
CA ALA A 202 18.85 11.57 13.25
C ALA A 202 19.47 12.20 14.49
N PRO A 203 18.78 12.39 15.61
CA PRO A 203 19.44 12.97 16.79
C PRO A 203 20.20 11.98 17.65
N LEU A 204 20.23 10.69 17.31
CA LEU A 204 20.81 9.68 18.17
C LEU A 204 22.27 9.37 17.80
N ASP A 205 23.01 8.94 18.80
CA ASP A 205 24.32 8.35 18.53
C ASP A 205 24.17 6.89 18.08
N TYR A 206 23.20 6.18 18.67
CA TYR A 206 22.95 4.79 18.35
C TYR A 206 21.49 4.49 18.56
N ILE A 207 20.96 3.57 17.75
CA ILE A 207 19.70 2.90 18.03
C ILE A 207 20.03 1.44 18.33
N ASN A 208 19.72 1.01 19.55
CA ASN A 208 20.09 -0.33 20.02
C ASN A 208 18.93 -1.29 19.75
N LEU A 209 19.07 -2.12 18.72
CA LEU A 209 17.99 -3.02 18.32
C LEU A 209 17.81 -4.15 19.32
N MET A 210 16.61 -4.29 19.88
CA MET A 210 16.31 -5.38 20.81
C MET A 210 16.04 -6.68 20.05
N THR A 211 17.07 -7.13 19.33
CA THR A 211 16.95 -8.33 18.50
C THR A 211 17.05 -9.60 19.34
N TYR A 212 16.11 -9.69 20.28
CA TYR A 212 15.89 -10.88 21.08
C TYR A 212 14.42 -10.90 21.44
N ASP A 213 14.01 -11.90 22.22
CA ASP A 213 12.60 -12.13 22.50
C ASP A 213 11.79 -12.31 21.21
N LEU A 214 12.44 -12.80 20.16
CA LEU A 214 11.73 -13.12 18.93
C LEU A 214 11.01 -14.46 19.04
N ALA A 215 11.12 -15.10 20.20
CA ALA A 215 10.34 -16.28 20.57
C ALA A 215 10.09 -16.18 22.07
N GLY A 216 9.04 -16.86 22.53
CA GLY A 216 8.67 -16.79 23.92
C GLY A 216 7.37 -17.52 24.19
N PRO A 217 6.95 -17.52 25.46
CA PRO A 217 5.73 -18.25 25.83
C PRO A 217 4.46 -17.74 25.16
N TRP A 218 4.49 -16.51 24.62
CA TRP A 218 3.36 -15.94 23.91
C TRP A 218 3.22 -16.46 22.49
N GLU A 219 4.18 -17.27 22.03
CA GLU A 219 4.09 -17.91 20.73
C GLU A 219 3.69 -19.37 20.91
N LYS A 220 2.83 -19.86 20.02
CA LYS A 220 2.34 -21.23 20.11
C LYS A 220 3.44 -22.24 19.80
N VAL A 221 4.40 -21.88 18.95
CA VAL A 221 5.47 -22.77 18.53
C VAL A 221 6.78 -22.35 19.17
N THR A 222 7.55 -23.32 19.68
CA THR A 222 8.87 -23.02 20.23
C THR A 222 9.80 -22.66 19.08
N ASN A 223 10.75 -21.76 19.37
CA ASN A 223 11.66 -21.28 18.34
C ASN A 223 12.83 -20.60 19.02
N HIS A 224 13.86 -20.31 18.24
CA HIS A 224 15.01 -19.55 18.73
C HIS A 224 14.61 -18.09 18.91
N GLN A 225 14.93 -17.53 20.08
CA GLN A 225 14.50 -16.16 20.38
C GLN A 225 15.39 -15.11 19.76
N ALA A 226 16.56 -15.48 19.24
CA ALA A 226 17.47 -14.52 18.65
C ALA A 226 18.28 -15.20 17.54
N ALA A 227 17.57 -15.90 16.64
CA ALA A 227 18.21 -16.52 15.50
C ALA A 227 18.90 -15.45 14.65
N LEU A 228 20.13 -15.72 14.22
CA LEU A 228 20.81 -14.77 13.36
C LEU A 228 20.26 -14.83 11.94
N PHE A 229 20.15 -16.04 11.38
CA PHE A 229 19.54 -16.25 10.07
C PHE A 229 18.38 -17.23 10.21
N GLY A 230 17.58 -17.33 9.16
CA GLY A 230 16.36 -18.12 9.23
C GLY A 230 16.60 -19.60 8.95
N ASP A 231 15.73 -20.40 9.53
CA ASP A 231 15.68 -21.84 9.32
C ASP A 231 14.36 -22.16 8.63
N ALA A 232 14.44 -22.66 7.39
CA ALA A 232 13.22 -22.93 6.63
C ALA A 232 12.31 -23.93 7.33
N ALA A 233 12.88 -24.82 8.15
CA ALA A 233 12.07 -25.77 8.89
C ALA A 233 11.36 -25.13 10.07
N GLY A 234 11.77 -23.95 10.50
CA GLY A 234 11.16 -23.28 11.63
C GLY A 234 9.94 -22.48 11.21
N PRO A 235 9.24 -21.92 12.18
CA PRO A 235 8.01 -21.17 11.86
C PRO A 235 8.34 -19.87 11.14
N THR A 236 7.34 -19.37 10.42
CA THR A 236 7.44 -18.09 9.73
C THR A 236 6.34 -17.17 10.22
N PHE A 237 6.50 -15.87 9.96
CA PHE A 237 5.58 -14.88 10.50
C PHE A 237 5.06 -13.92 9.45
N TYR A 238 3.90 -13.37 9.76
CA TYR A 238 3.31 -12.30 8.99
C TYR A 238 4.23 -11.08 9.07
N ASN A 239 4.58 -10.49 7.92
CA ASN A 239 5.48 -9.35 7.88
C ASN A 239 4.69 -8.06 8.11
N ALA A 240 4.62 -7.65 9.38
CA ALA A 240 3.81 -6.50 9.78
C ALA A 240 4.22 -5.20 9.08
N LEU A 241 5.45 -5.09 8.61
CA LEU A 241 5.89 -3.83 8.01
C LEU A 241 5.11 -3.48 6.76
N ARG A 242 4.56 -4.48 6.08
CA ARG A 242 3.76 -4.19 4.90
C ARG A 242 2.46 -3.48 5.25
N GLU A 243 2.11 -3.38 6.53
CA GLU A 243 0.92 -2.67 6.98
C GLU A 243 1.22 -1.30 7.57
N ALA A 244 2.48 -0.84 7.52
CA ALA A 244 2.86 0.46 8.05
C ALA A 244 2.49 1.59 7.09
N ASN A 245 2.31 2.79 7.65
CA ASN A 245 1.95 3.96 6.85
C ASN A 245 3.13 4.49 6.04
N LEU A 246 3.54 3.72 5.03
CA LEU A 246 4.67 4.09 4.19
C LEU A 246 4.23 4.85 2.94
N GLY A 247 3.02 4.59 2.45
CA GLY A 247 2.56 5.19 1.22
C GLY A 247 3.15 4.57 -0.02
N TRP A 248 3.65 3.34 0.07
CA TRP A 248 4.23 2.67 -1.09
C TRP A 248 3.16 1.92 -1.86
N SER A 249 3.51 1.56 -3.09
CA SER A 249 2.62 0.77 -3.94
C SER A 249 2.67 -0.70 -3.55
N TRP A 250 1.83 -1.50 -4.21
CA TRP A 250 1.79 -2.93 -3.90
C TRP A 250 3.11 -3.61 -4.25
N GLU A 251 3.69 -3.28 -5.40
CA GLU A 251 4.95 -3.89 -5.80
C GLU A 251 6.06 -3.54 -4.82
N GLU A 252 6.14 -2.27 -4.43
CA GLU A 252 7.19 -1.82 -3.51
C GLU A 252 7.09 -2.50 -2.16
N LEU A 253 5.87 -2.60 -1.60
CA LEU A 253 5.70 -3.27 -0.33
C LEU A 253 6.05 -4.74 -0.44
N THR A 254 5.66 -5.38 -1.53
CA THR A 254 5.95 -6.79 -1.73
C THR A 254 7.45 -7.01 -1.87
N ARG A 255 8.12 -6.14 -2.64
CA ARG A 255 9.56 -6.21 -2.81
C ARG A 255 10.30 -5.99 -1.50
N ALA A 256 9.77 -5.12 -0.64
CA ALA A 256 10.47 -4.79 0.61
C ALA A 256 10.16 -5.78 1.74
N PHE A 257 8.95 -6.33 1.79
CA PHE A 257 8.50 -7.11 2.93
C PHE A 257 7.92 -8.44 2.47
N PRO A 258 8.77 -9.37 2.03
CA PRO A 258 8.29 -10.71 1.70
C PRO A 258 7.66 -11.36 2.92
N SER A 259 6.56 -12.07 2.69
CA SER A 259 5.78 -12.61 3.77
C SER A 259 5.18 -13.92 3.30
N PRO A 260 5.15 -14.96 4.15
CA PRO A 260 5.72 -14.91 5.49
C PRO A 260 7.26 -14.91 5.46
N PHE A 261 7.89 -14.54 6.58
CA PHE A 261 9.33 -14.39 6.62
C PHE A 261 9.84 -14.93 7.95
N SER A 262 11.15 -15.14 8.01
CA SER A 262 11.79 -15.68 9.20
C SER A 262 12.14 -14.54 10.14
N LEU A 263 11.54 -14.56 11.32
CA LEU A 263 11.76 -13.52 12.34
C LEU A 263 13.14 -13.68 12.96
N THR A 264 14.14 -13.02 12.39
CA THR A 264 15.54 -13.21 12.77
C THR A 264 16.21 -11.88 13.08
N VAL A 265 17.42 -11.96 13.61
CA VAL A 265 18.22 -10.77 13.85
C VAL A 265 18.61 -10.11 12.53
N ASP A 266 19.04 -10.91 11.55
CA ASP A 266 19.35 -10.36 10.24
C ASP A 266 18.13 -9.66 9.63
N ALA A 267 16.94 -10.19 9.87
CA ALA A 267 15.75 -9.52 9.36
C ALA A 267 15.64 -8.11 9.90
N ALA A 268 15.72 -7.95 11.23
CA ALA A 268 15.53 -6.65 11.83
C ALA A 268 16.60 -5.66 11.40
N VAL A 269 17.84 -6.13 11.23
CA VAL A 269 18.91 -5.23 10.78
C VAL A 269 18.65 -4.79 9.35
N GLN A 270 18.37 -5.74 8.46
CA GLN A 270 18.16 -5.39 7.05
C GLN A 270 16.94 -4.48 6.88
N GLN A 271 15.89 -4.72 7.68
CA GLN A 271 14.71 -3.86 7.59
C GLN A 271 15.03 -2.42 7.98
N HIS A 272 15.95 -2.21 8.91
CA HIS A 272 16.37 -0.85 9.21
C HIS A 272 17.19 -0.27 8.08
N LEU A 273 18.07 -1.08 7.47
CA LEU A 273 18.91 -0.58 6.39
C LEU A 273 18.13 -0.30 5.12
N MET A 274 16.93 -0.84 4.98
CA MET A 274 16.12 -0.58 3.79
C MET A 274 15.59 0.84 3.73
N MET A 275 15.62 1.57 4.84
CA MET A 275 15.05 2.91 4.86
C MET A 275 16.13 3.96 4.64
N GLU A 276 15.80 4.95 3.82
CA GLU A 276 16.72 6.05 3.56
C GLU A 276 16.95 6.84 4.84
N GLY A 277 18.20 7.29 5.02
CA GLY A 277 18.54 8.07 6.20
C GLY A 277 18.86 7.30 7.45
N VAL A 278 19.00 5.97 7.36
CA VAL A 278 19.40 5.16 8.53
C VAL A 278 20.79 4.60 8.31
N PRO A 279 21.84 5.26 8.85
CA PRO A 279 23.20 4.79 8.62
C PRO A 279 23.55 3.55 9.42
N SER A 280 24.25 2.62 8.77
CA SER A 280 24.59 1.36 9.42
C SER A 280 25.37 1.61 10.70
N ALA A 281 26.23 2.64 10.70
CA ALA A 281 27.08 2.92 11.85
C ALA A 281 26.28 3.28 13.10
N LYS A 282 25.00 3.61 12.97
CA LYS A 282 24.19 3.92 14.14
C LYS A 282 23.40 2.72 14.64
N ILE A 283 23.34 1.65 13.87
CA ILE A 283 22.59 0.46 14.24
C ILE A 283 23.44 -0.39 15.17
N VAL A 284 22.90 -0.75 16.32
CA VAL A 284 23.56 -1.60 17.29
C VAL A 284 22.73 -2.87 17.45
N MET A 285 23.37 -4.03 17.31
CA MET A 285 22.68 -5.30 17.41
C MET A 285 22.63 -5.73 18.88
N GLY A 286 21.43 -5.86 19.42
CA GLY A 286 21.29 -6.41 20.75
C GLY A 286 21.36 -7.94 20.74
N VAL A 287 21.91 -8.48 21.82
CA VAL A 287 21.97 -9.93 22.00
C VAL A 287 21.51 -10.25 23.42
N PRO A 288 20.94 -11.42 23.67
CA PRO A 288 20.47 -11.76 25.01
C PRO A 288 21.50 -12.53 25.82
N PHE A 289 21.62 -12.17 27.10
CA PHE A 289 22.43 -12.90 28.05
C PHE A 289 21.61 -13.89 28.87
N TYR A 290 20.42 -14.23 28.40
CA TYR A 290 19.48 -15.07 29.12
C TYR A 290 18.86 -16.05 28.13
N GLY A 291 18.23 -17.08 28.69
CA GLY A 291 17.53 -18.05 27.87
C GLY A 291 16.04 -18.09 28.16
N ARG A 292 15.26 -18.60 27.22
CA ARG A 292 13.81 -18.74 27.40
C ARG A 292 13.43 -20.20 27.36
N ALA A 293 12.69 -20.64 28.37
CA ALA A 293 12.42 -22.06 28.58
C ALA A 293 10.96 -22.39 28.27
N PHE A 294 10.75 -23.54 27.63
CA PHE A 294 9.43 -24.06 27.32
C PHE A 294 9.31 -25.49 27.86
N LYS A 295 8.10 -25.86 28.26
CA LYS A 295 7.83 -27.22 28.71
C LYS A 295 6.73 -27.83 27.84
N GLY A 296 6.62 -29.15 27.90
CA GLY A 296 5.61 -29.85 27.13
C GLY A 296 5.91 -29.92 25.64
N VAL A 297 7.18 -29.92 25.27
CA VAL A 297 7.56 -29.99 23.87
C VAL A 297 7.59 -31.46 23.44
N SER A 298 7.56 -31.68 22.13
CA SER A 298 7.66 -33.00 21.54
C SER A 298 9.08 -33.26 21.06
N GLY A 299 9.35 -34.52 20.69
CA GLY A 299 10.66 -34.91 20.23
C GLY A 299 10.76 -34.93 18.70
N GLY A 300 11.97 -35.26 18.24
CA GLY A 300 12.26 -35.37 16.83
C GLY A 300 13.17 -34.29 16.30
N ASN A 301 13.25 -33.14 16.97
CA ASN A 301 14.16 -32.08 16.57
C ASN A 301 14.59 -31.29 17.80
N GLY A 302 14.92 -32.00 18.87
CA GLY A 302 15.48 -31.36 20.06
C GLY A 302 14.58 -30.35 20.71
N GLY A 303 13.27 -30.45 20.50
CA GLY A 303 12.33 -29.52 21.07
C GLY A 303 12.04 -28.31 20.22
N GLN A 304 12.76 -28.16 19.09
CA GLN A 304 12.53 -27.03 18.21
C GLN A 304 11.20 -27.17 17.49
N TYR A 305 10.50 -26.05 17.32
CA TYR A 305 9.36 -25.97 16.42
C TYR A 305 8.24 -26.93 16.83
N SER A 306 8.04 -27.05 18.14
CA SER A 306 7.03 -27.92 18.71
C SER A 306 5.99 -27.12 19.47
N SER A 307 4.78 -27.69 19.56
CA SER A 307 3.81 -27.14 20.49
C SER A 307 4.29 -27.38 21.92
N HIS A 308 3.72 -26.66 22.87
CA HIS A 308 4.22 -26.67 24.23
C HIS A 308 3.08 -26.36 25.19
N SER A 309 3.36 -26.51 26.48
CA SER A 309 2.38 -26.25 27.53
C SER A 309 2.90 -25.20 28.51
N THR A 310 3.60 -24.22 27.98
CA THR A 310 4.14 -23.18 28.83
C THR A 310 3.11 -22.09 29.08
N PRO A 311 2.83 -21.75 30.34
CA PRO A 311 1.98 -20.60 30.61
C PRO A 311 2.60 -19.33 30.02
N GLY A 312 1.74 -18.42 29.66
CA GLY A 312 2.11 -17.16 29.09
C GLY A 312 1.69 -15.95 29.89
N GLU A 313 0.99 -16.16 30.97
CA GLU A 313 0.55 -15.04 31.76
C GLU A 313 1.71 -14.39 32.48
N ASP A 314 1.59 -13.11 32.75
CA ASP A 314 2.62 -12.39 33.44
C ASP A 314 1.95 -11.72 34.59
N PRO A 315 2.38 -11.94 35.82
CA PRO A 315 3.53 -12.80 36.13
C PRO A 315 3.22 -14.29 36.00
N TYR A 316 4.20 -15.13 36.31
CA TYR A 316 3.98 -16.56 36.28
C TYR A 316 2.87 -16.91 37.27
N PRO A 317 1.77 -17.52 36.82
CA PRO A 317 0.56 -17.67 37.65
C PRO A 317 0.60 -18.77 38.71
N SER A 318 1.59 -19.66 38.72
CA SER A 318 1.58 -20.76 39.68
C SER A 318 2.90 -20.81 40.44
N THR A 319 3.09 -21.90 41.17
CA THR A 319 4.34 -22.23 41.86
C THR A 319 4.97 -23.48 41.25
N ASP A 320 4.49 -23.91 40.09
CA ASP A 320 5.04 -25.06 39.37
C ASP A 320 6.34 -24.62 38.71
N TYR A 321 7.47 -25.01 39.29
CA TYR A 321 8.80 -24.65 38.80
C TYR A 321 9.44 -25.88 38.17
N TRP A 322 9.16 -26.07 36.88
CA TRP A 322 9.48 -27.30 36.16
C TRP A 322 10.82 -27.24 35.43
N LEU A 323 11.62 -26.19 35.64
CA LEU A 323 12.93 -26.11 35.00
C LEU A 323 13.96 -26.72 35.94
N VAL A 324 14.32 -27.97 35.67
CA VAL A 324 15.19 -28.74 36.56
C VAL A 324 16.56 -28.07 36.64
N GLY A 325 17.05 -27.90 37.85
CA GLY A 325 18.36 -27.32 38.06
C GLY A 325 18.40 -25.82 38.17
N CYS A 326 17.35 -25.12 37.74
CA CYS A 326 17.30 -23.66 37.75
C CYS A 326 16.84 -23.24 39.15
N GLU A 327 17.79 -23.14 40.08
CA GLU A 327 17.48 -22.60 41.39
C GLU A 327 17.10 -21.13 41.30
N GLU A 328 17.66 -20.41 40.34
CA GLU A 328 17.34 -18.99 40.22
C GLU A 328 15.90 -18.79 39.78
N CYS A 329 15.37 -19.70 38.95
CA CYS A 329 13.95 -19.66 38.60
C CYS A 329 13.09 -19.85 39.83
N VAL A 330 13.54 -20.65 40.80
CA VAL A 330 12.78 -20.77 42.03
C VAL A 330 12.81 -19.45 42.78
N ARG A 331 13.98 -18.80 42.84
CA ARG A 331 14.06 -17.52 43.57
C ARG A 331 13.18 -16.47 42.94
N ASP A 332 13.19 -16.38 41.60
CA ASP A 332 12.46 -15.37 40.85
C ASP A 332 11.03 -15.78 40.52
N LYS A 333 10.62 -16.98 40.93
CA LYS A 333 9.24 -17.43 40.77
C LYS A 333 8.82 -17.42 39.29
N ASP A 334 9.71 -17.88 38.41
CA ASP A 334 9.38 -17.99 36.99
C ASP A 334 10.31 -18.99 36.32
N PRO A 335 9.81 -20.15 35.87
CA PRO A 335 10.67 -21.15 35.23
C PRO A 335 10.88 -20.94 33.74
N ARG A 336 10.43 -19.81 33.18
CA ARG A 336 10.51 -19.54 31.76
C ARG A 336 11.74 -18.75 31.36
N ILE A 337 12.41 -18.09 32.29
CA ILE A 337 13.56 -17.27 31.96
C ILE A 337 14.73 -17.70 32.83
N ALA A 338 15.88 -17.93 32.22
CA ALA A 338 17.06 -18.31 32.99
C ALA A 338 18.30 -17.61 32.43
N SER A 339 19.07 -17.01 33.33
CA SER A 339 20.30 -16.34 32.92
C SER A 339 21.31 -17.34 32.36
N TYR A 340 22.23 -16.84 31.54
CA TYR A 340 23.26 -17.71 30.98
C TYR A 340 24.08 -18.34 32.08
N ARG A 341 24.34 -17.60 33.15
CA ARG A 341 25.09 -18.13 34.30
C ARG A 341 24.38 -19.34 34.88
N GLN A 342 23.06 -19.23 35.06
CA GLN A 342 22.27 -20.35 35.57
C GLN A 342 22.22 -21.49 34.57
N LEU A 343 22.07 -21.17 33.28
CA LEU A 343 22.00 -22.20 32.26
C LEU A 343 23.29 -22.99 32.18
N GLU A 344 24.42 -22.30 32.39
CA GLU A 344 25.72 -22.96 32.41
C GLU A 344 25.76 -24.00 33.52
N GLN A 345 25.33 -23.62 34.72
CA GLN A 345 25.36 -24.53 35.85
C GLN A 345 24.35 -25.66 35.71
N MET A 346 23.29 -25.46 34.93
CA MET A 346 22.38 -26.56 34.64
C MET A 346 23.06 -27.60 33.76
N LEU A 347 23.87 -27.16 32.81
CA LEU A 347 24.61 -28.08 31.96
C LEU A 347 25.70 -28.80 32.75
N GLN A 348 26.24 -28.15 33.78
CA GLN A 348 27.32 -28.74 34.57
C GLN A 348 26.82 -29.70 35.64
N GLY A 349 25.51 -29.84 35.83
CA GLY A 349 24.98 -30.56 36.96
C GLY A 349 24.31 -31.91 36.71
N ASN A 350 24.36 -32.43 35.49
CA ASN A 350 23.78 -33.74 35.18
C ASN A 350 22.27 -33.75 35.44
N TYR A 351 21.60 -32.73 34.92
CA TYR A 351 20.17 -32.55 35.14
C TYR A 351 19.33 -33.08 33.98
N GLY A 352 19.96 -33.64 32.96
CA GLY A 352 19.25 -34.18 31.81
C GLY A 352 19.24 -33.33 30.57
N TYR A 353 20.00 -32.23 30.54
CA TYR A 353 20.00 -31.33 29.40
C TYR A 353 21.10 -31.70 28.41
N GLN A 354 20.81 -31.54 27.12
CA GLN A 354 21.83 -31.61 26.08
C GLN A 354 21.94 -30.26 25.40
N ARG A 355 23.17 -29.80 25.18
CA ARG A 355 23.41 -28.62 24.37
C ARG A 355 23.48 -29.06 22.91
N LEU A 356 22.53 -28.60 22.12
CA LEU A 356 22.47 -28.82 20.69
C LEU A 356 22.76 -27.52 19.95
N TRP A 357 22.98 -27.63 18.65
CA TRP A 357 23.34 -26.47 17.85
C TRP A 357 22.52 -26.47 16.57
N ASN A 358 22.00 -25.32 16.19
CA ASN A 358 21.33 -25.15 14.91
C ASN A 358 22.29 -24.38 14.02
N ASP A 359 22.76 -25.02 12.95
CA ASP A 359 23.79 -24.43 12.12
C ASP A 359 23.21 -23.56 11.02
N LYS A 360 21.90 -23.34 11.03
CA LYS A 360 21.27 -22.40 10.12
C LYS A 360 21.09 -21.05 10.80
N THR A 361 20.49 -21.07 12.00
CA THR A 361 20.32 -19.89 12.83
C THR A 361 21.60 -19.47 13.53
N LYS A 362 22.58 -20.37 13.61
CA LYS A 362 23.85 -20.12 14.29
C LYS A 362 23.64 -19.81 15.77
N THR A 363 22.72 -20.54 16.41
CA THR A 363 22.43 -20.34 17.82
C THR A 363 22.33 -21.70 18.52
N PRO A 364 22.68 -21.76 19.81
CA PRO A 364 22.56 -23.00 20.57
C PRO A 364 21.19 -23.14 21.21
N TYR A 365 20.89 -24.35 21.68
CA TYR A 365 19.66 -24.58 22.42
C TYR A 365 19.82 -25.84 23.26
N LEU A 366 19.09 -25.90 24.37
CA LEU A 366 19.11 -27.05 25.25
C LEU A 366 17.84 -27.86 25.08
N TYR A 367 17.97 -29.18 25.18
CA TYR A 367 16.83 -30.08 25.08
C TYR A 367 16.89 -31.10 26.21
N HIS A 368 15.73 -31.33 26.83
CA HIS A 368 15.61 -32.23 27.97
C HIS A 368 14.73 -33.41 27.54
N ALA A 369 15.33 -34.51 27.22
CA ALA A 369 14.50 -35.57 26.72
C ALA A 369 13.49 -36.10 27.71
N GLN A 370 13.91 -36.23 28.97
CA GLN A 370 13.06 -36.77 30.04
C GLN A 370 11.79 -35.98 30.41
N ASN A 371 11.88 -34.67 30.52
CA ASN A 371 10.70 -33.87 30.84
C ASN A 371 10.08 -33.06 29.72
N GLY A 372 10.66 -33.10 28.54
CA GLY A 372 10.21 -32.37 27.37
C GLY A 372 10.41 -30.89 27.53
N LEU A 373 11.65 -30.46 27.77
CA LEU A 373 11.94 -29.04 27.91
C LEU A 373 12.83 -28.56 26.77
N PHE A 374 12.64 -27.31 26.39
CA PHE A 374 13.41 -26.63 25.35
C PHE A 374 13.84 -25.25 25.85
N VAL A 375 15.09 -24.88 25.58
CA VAL A 375 15.62 -23.59 25.98
C VAL A 375 16.31 -22.95 24.79
N THR A 376 15.94 -21.72 24.48
CA THR A 376 16.63 -20.95 23.45
C THR A 376 17.46 -19.87 24.14
N TYR A 377 18.73 -19.79 23.77
CA TYR A 377 19.66 -18.84 24.38
C TYR A 377 20.82 -18.61 23.43
N ASP A 378 21.74 -17.75 23.84
CA ASP A 378 22.94 -17.43 23.08
C ASP A 378 24.16 -17.71 23.94
N ASP A 379 25.30 -17.95 23.30
CA ASP A 379 26.55 -18.17 24.03
C ASP A 379 27.68 -17.61 23.19
N ALA A 380 28.92 -17.87 23.64
CA ALA A 380 30.11 -17.32 23.01
C ALA A 380 30.28 -17.78 21.57
N GLU A 381 29.72 -18.92 21.19
CA GLU A 381 29.91 -19.36 19.81
C GLU A 381 28.88 -18.70 18.90
N SER A 382 27.65 -18.50 19.37
CA SER A 382 26.69 -17.74 18.58
C SER A 382 27.14 -16.29 18.44
N PHE A 383 27.81 -15.75 19.46
CA PHE A 383 28.30 -14.38 19.37
C PHE A 383 29.40 -14.23 18.33
N LYS A 384 30.03 -15.34 17.91
CA LYS A 384 31.07 -15.25 16.89
C LYS A 384 30.46 -14.89 15.54
N TYR A 385 29.32 -15.47 15.20
CA TYR A 385 28.67 -15.14 13.94
C TYR A 385 28.02 -13.77 14.01
N LYS A 386 27.45 -13.42 15.16
CA LYS A 386 26.84 -12.10 15.31
C LYS A 386 27.90 -11.00 15.30
N ALA A 387 29.06 -11.26 15.90
CA ALA A 387 30.14 -10.27 15.84
C ALA A 387 30.65 -10.10 14.42
N LYS A 388 30.81 -11.20 13.69
CA LYS A 388 31.25 -11.08 12.30
C LYS A 388 30.20 -10.37 11.46
N TYR A 389 28.92 -10.65 11.71
CA TYR A 389 27.84 -9.95 11.01
C TYR A 389 27.92 -8.45 11.28
N ILE A 390 28.10 -8.06 12.54
CA ILE A 390 28.25 -6.66 12.92
C ILE A 390 29.36 -6.00 12.13
N LYS A 391 30.48 -6.72 11.94
CA LYS A 391 31.61 -6.15 11.20
C LYS A 391 31.33 -6.11 9.69
N GLN A 392 30.73 -7.17 9.15
CA GLN A 392 30.44 -7.22 7.73
C GLN A 392 29.43 -6.15 7.34
N GLN A 393 28.38 -5.98 8.14
CA GLN A 393 27.34 -5.00 7.84
C GLN A 393 27.69 -3.59 8.33
N GLN A 394 28.92 -3.39 8.82
CA GLN A 394 29.39 -2.08 9.26
C GLN A 394 28.41 -1.44 10.24
N LEU A 395 27.92 -2.25 11.17
CA LEU A 395 27.04 -1.75 12.20
C LEU A 395 27.86 -1.04 13.28
N GLY A 396 27.15 -0.33 14.16
CA GLY A 396 27.83 0.46 15.17
C GLY A 396 28.45 -0.36 16.27
N GLY A 397 27.94 -1.56 16.52
CA GLY A 397 28.47 -2.39 17.58
C GLY A 397 27.39 -3.32 18.12
N VAL A 398 27.54 -3.68 19.39
CA VAL A 398 26.68 -4.67 20.01
C VAL A 398 26.12 -4.11 21.31
N MET A 399 24.92 -4.56 21.66
CA MET A 399 24.28 -4.27 22.95
C MET A 399 23.81 -5.59 23.54
N PHE A 400 23.72 -5.67 24.85
CA PHE A 400 23.20 -6.90 25.44
C PHE A 400 22.40 -6.62 26.70
N TRP A 401 21.44 -7.49 26.95
CA TRP A 401 20.58 -7.46 28.13
C TRP A 401 20.71 -8.82 28.81
N HIS A 402 21.30 -8.87 30.01
CA HIS A 402 21.98 -7.73 30.64
C HIS A 402 23.20 -8.22 31.45
N LEU A 403 23.99 -7.27 31.98
CA LEU A 403 25.25 -7.61 32.65
C LEU A 403 25.05 -8.66 33.74
N GLY A 404 24.03 -8.50 34.58
CA GLY A 404 23.85 -9.39 35.71
C GLY A 404 23.56 -10.84 35.34
N GLN A 405 23.42 -11.15 34.05
CA GLN A 405 23.09 -12.50 33.62
C GLN A 405 24.29 -13.25 33.08
N ASP A 406 25.43 -12.59 32.93
CA ASP A 406 26.67 -13.26 32.54
C ASP A 406 27.15 -14.14 33.70
N ASN A 407 28.08 -15.05 33.39
CA ASN A 407 28.65 -15.81 34.49
C ASN A 407 29.66 -14.92 35.23
N ARG A 408 30.11 -15.39 36.39
CA ARG A 408 30.99 -14.59 37.24
C ARG A 408 32.35 -14.33 36.61
N ASN A 409 32.78 -15.19 35.70
CA ASN A 409 34.02 -14.97 34.98
C ASN A 409 33.83 -13.97 33.85
N GLY A 410 32.58 -13.63 33.54
CA GLY A 410 32.29 -12.71 32.45
C GLY A 410 32.65 -13.21 31.06
N ASP A 411 32.37 -14.48 30.76
CA ASP A 411 32.78 -15.04 29.48
C ASP A 411 32.00 -14.44 28.32
N LEU A 412 30.72 -14.13 28.51
CA LEU A 412 29.94 -13.58 27.41
C LEU A 412 30.43 -12.20 27.03
N LEU A 413 30.65 -11.32 28.01
CA LEU A 413 31.18 -9.99 27.72
C LEU A 413 32.60 -10.07 27.14
N ALA A 414 33.44 -10.92 27.73
CA ALA A 414 34.79 -11.08 27.23
C ALA A 414 34.79 -11.63 25.81
N ALA A 415 33.82 -12.50 25.49
CA ALA A 415 33.74 -13.01 24.13
C ALA A 415 33.46 -11.89 23.13
N LEU A 416 32.53 -11.00 23.46
CA LEU A 416 32.20 -9.91 22.54
C LEU A 416 33.40 -8.98 22.32
N ASP A 417 34.07 -8.61 23.42
CA ASP A 417 35.23 -7.73 23.30
C ASP A 417 36.34 -8.40 22.49
N ARG A 418 36.55 -9.69 22.71
CA ARG A 418 37.57 -10.42 21.96
C ARG A 418 37.30 -10.37 20.46
N TYR A 419 36.07 -10.70 20.06
CA TYR A 419 35.76 -10.82 18.63
C TYR A 419 35.91 -9.48 17.91
N PHE A 420 35.80 -8.36 18.62
CA PHE A 420 35.96 -7.05 18.01
C PHE A 420 37.39 -6.54 18.07
N ASN A 421 38.11 -6.78 19.18
CA ASN A 421 39.36 -6.07 19.42
C ASN A 421 40.60 -6.94 19.62
N ALA A 422 40.45 -8.23 19.96
CA ALA A 422 41.63 -9.03 20.28
C ALA A 422 42.46 -9.31 19.03
N ALA A 423 43.75 -8.96 19.09
CA ALA A 423 44.64 -9.22 17.96
C ALA A 423 44.79 -10.72 17.69
N ASP A 424 44.56 -11.58 18.68
CA ASP A 424 44.75 -13.01 18.50
C ASP A 424 43.47 -13.76 18.15
N TYR A 425 42.42 -13.03 17.76
CA TYR A 425 41.19 -13.66 17.27
C TYR A 425 41.04 -13.33 15.79
N ASP A 426 40.76 -14.35 14.98
CA ASP A 426 40.71 -14.22 13.53
C ASP A 426 39.47 -14.95 13.00
N ASP A 427 38.42 -14.18 12.67
CA ASP A 427 37.18 -14.77 12.15
C ASP A 427 37.06 -14.63 10.63
N SER A 428 38.17 -14.38 9.95
CA SER A 428 38.14 -14.17 8.50
C SER A 428 37.67 -15.41 7.75
N GLN A 429 37.79 -16.59 8.34
CA GLN A 429 37.37 -17.82 7.66
C GLN A 429 36.09 -18.40 8.23
N LEU A 430 35.45 -17.71 9.18
CA LEU A 430 34.26 -18.26 9.81
C LEU A 430 33.11 -18.34 8.82
N ASP A 431 32.48 -19.51 8.74
CA ASP A 431 31.47 -19.79 7.73
C ASP A 431 30.12 -19.32 8.26
N MET A 432 29.55 -18.30 7.61
CA MET A 432 28.28 -17.77 8.08
C MET A 432 27.10 -18.68 7.76
N GLY A 433 27.31 -19.79 7.07
CA GLY A 433 26.25 -20.75 6.85
C GLY A 433 25.32 -20.44 5.70
N THR A 434 24.31 -21.29 5.56
CA THR A 434 23.33 -21.19 4.50
C THR A 434 21.94 -20.86 5.03
N GLY A 435 21.85 -20.26 6.20
CA GLY A 435 20.57 -19.84 6.73
C GLY A 435 19.95 -18.74 5.87
N LEU A 436 18.63 -18.61 5.97
CA LEU A 436 17.93 -17.64 5.12
C LEU A 436 18.28 -16.20 5.47
N ARG A 437 18.58 -15.41 4.44
CA ARG A 437 18.85 -13.99 4.59
C ARG A 437 17.60 -13.20 4.27
N TYR A 438 17.51 -11.99 4.82
CA TYR A 438 16.38 -11.12 4.52
C TYR A 438 16.71 -10.36 3.23
N THR A 439 15.95 -10.67 2.18
CA THR A 439 16.23 -10.22 0.82
C THR A 439 15.40 -9.00 0.37
N GLY A 440 14.69 -8.35 1.28
CA GLY A 440 13.84 -7.22 0.88
C GLY A 440 14.63 -6.09 0.26
N VAL A 441 13.95 -5.33 -0.61
CA VAL A 441 14.54 -4.16 -1.26
C VAL A 441 13.62 -2.97 -1.02
N GLY A 442 14.20 -1.86 -0.54
CA GLY A 442 13.46 -0.64 -0.33
C GLY A 442 14.24 0.55 -0.86
N PRO A 443 13.82 1.76 -0.50
CA PRO A 443 14.51 2.96 -1.01
C PRO A 443 15.93 3.14 -0.51
N GLY A 444 16.26 2.64 0.68
CA GLY A 444 17.60 2.79 1.22
C GLY A 444 18.60 1.76 0.74
N ASN A 445 18.12 0.75 0.00
CA ASN A 445 18.98 -0.29 -0.53
C ASN A 445 18.67 -0.62 -1.99
N LEU A 446 18.21 0.37 -2.76
CA LEU A 446 18.02 0.13 -4.19
C LEU A 446 19.38 -0.06 -4.85
N PRO A 447 19.53 -1.08 -5.69
CA PRO A 447 20.81 -1.31 -6.35
C PRO A 447 21.10 -0.25 -7.39
N ILE A 448 22.39 -0.02 -7.65
CA ILE A 448 22.79 0.85 -8.74
C ILE A 448 22.49 0.14 -10.05
N MET A 449 21.81 0.81 -10.97
CA MET A 449 21.44 0.21 -12.23
C MET A 449 21.66 1.18 -13.38
N THR A 450 21.76 0.62 -14.59
CA THR A 450 22.03 1.38 -15.79
C THR A 450 20.97 1.10 -16.84
N ALA A 451 20.46 2.14 -17.47
CA ALA A 451 19.41 2.00 -18.48
C ALA A 451 19.42 3.22 -19.38
N PRO A 452 18.98 3.07 -20.64
CA PRO A 452 18.90 4.24 -21.52
C PRO A 452 17.95 5.28 -20.94
N ALA A 453 18.28 6.54 -21.19
CA ALA A 453 17.43 7.62 -20.70
C ALA A 453 16.02 7.50 -21.28
N TYR A 454 15.03 7.89 -20.49
CA TYR A 454 13.67 7.93 -20.97
C TYR A 454 13.56 8.92 -22.13
N VAL A 455 12.71 8.60 -23.09
CA VAL A 455 12.51 9.43 -24.27
C VAL A 455 11.06 9.90 -24.31
N PRO A 456 10.81 11.19 -24.13
CA PRO A 456 9.43 11.71 -24.24
C PRO A 456 8.85 11.43 -25.61
N GLY A 457 7.58 11.03 -25.63
CA GLY A 457 6.91 10.72 -26.86
C GLY A 457 6.98 9.27 -27.30
N THR A 458 7.67 8.44 -26.54
CA THR A 458 7.84 7.03 -26.86
C THR A 458 6.78 6.19 -26.14
N THR A 459 6.36 5.12 -26.79
CA THR A 459 5.46 4.13 -26.22
C THR A 459 6.30 2.93 -25.82
N TYR A 460 6.30 2.60 -24.53
CA TYR A 460 7.11 1.51 -23.99
C TYR A 460 6.31 0.23 -23.80
N ALA A 461 6.97 -0.89 -24.06
CA ALA A 461 6.34 -2.17 -23.77
C ALA A 461 6.55 -2.52 -22.31
N GLN A 462 5.84 -3.53 -21.84
CA GLN A 462 5.99 -3.98 -20.47
C GLN A 462 7.40 -4.52 -20.25
N GLY A 463 7.97 -4.18 -19.10
CA GLY A 463 9.29 -4.62 -18.73
C GLY A 463 10.41 -3.74 -19.21
N ALA A 464 10.10 -2.66 -19.93
CA ALA A 464 11.13 -1.76 -20.39
C ALA A 464 11.78 -1.04 -19.22
N LEU A 465 13.08 -0.79 -19.35
CA LEU A 465 13.86 -0.11 -18.33
C LEU A 465 14.39 1.19 -18.88
N VAL A 466 14.21 2.28 -18.14
CA VAL A 466 14.71 3.59 -18.51
C VAL A 466 15.25 4.28 -17.27
N SER A 467 16.15 5.23 -17.51
CA SER A 467 16.68 6.10 -16.47
C SER A 467 16.04 7.48 -16.60
N TYR A 468 15.67 8.05 -15.46
CA TYR A 468 14.95 9.31 -15.45
C TYR A 468 15.03 9.91 -14.06
N GLN A 469 15.43 11.18 -13.98
CA GLN A 469 15.39 11.98 -12.75
C GLN A 469 16.02 11.24 -11.56
N GLY A 470 17.08 10.48 -11.83
CA GLY A 470 17.90 9.89 -10.78
C GLY A 470 17.68 8.42 -10.54
N TYR A 471 16.66 7.81 -11.11
CA TYR A 471 16.36 6.41 -10.85
C TYR A 471 16.23 5.64 -12.16
N VAL A 472 16.35 4.32 -12.05
CA VAL A 472 16.01 3.39 -13.14
C VAL A 472 14.60 2.88 -12.89
N TRP A 473 13.74 2.98 -13.90
CA TRP A 473 12.35 2.61 -13.75
C TRP A 473 12.01 1.45 -14.69
N GLN A 474 11.03 0.65 -14.28
CA GLN A 474 10.56 -0.47 -15.08
C GLN A 474 9.05 -0.37 -15.24
N THR A 475 8.57 -0.66 -16.45
CA THR A 475 7.13 -0.66 -16.72
C THR A 475 6.52 -1.95 -16.20
N LYS A 476 5.39 -1.83 -15.51
CA LYS A 476 4.67 -2.99 -15.01
C LYS A 476 3.62 -3.50 -15.99
N TRP A 477 3.32 -2.74 -17.05
CA TRP A 477 2.48 -3.21 -18.14
C TRP A 477 2.86 -2.44 -19.40
N GLY A 478 2.19 -2.77 -20.51
CA GLY A 478 2.53 -2.24 -21.81
C GLY A 478 1.77 -0.97 -22.20
N TYR A 479 2.16 -0.44 -23.37
CA TYR A 479 1.55 0.75 -23.95
C TYR A 479 1.68 1.97 -23.02
N ILE A 480 2.91 2.26 -22.63
CA ILE A 480 3.18 3.33 -21.67
C ILE A 480 3.59 4.59 -22.42
N THR A 481 2.79 5.63 -22.28
CA THR A 481 3.01 6.91 -22.96
C THR A 481 3.29 8.03 -21.96
N SER A 482 3.57 7.70 -20.71
CA SER A 482 3.80 8.70 -19.69
C SER A 482 5.22 8.56 -19.15
N ALA A 483 5.64 9.60 -18.42
CA ALA A 483 6.99 9.70 -17.89
C ALA A 483 7.12 8.89 -16.61
N PRO A 484 8.31 8.36 -16.33
CA PRO A 484 8.54 7.70 -15.03
C PRO A 484 8.26 8.64 -13.87
N GLY A 485 7.61 8.11 -12.84
CA GLY A 485 7.30 8.89 -11.66
C GLY A 485 6.03 9.69 -11.79
N SER A 486 5.62 9.97 -13.03
CA SER A 486 4.39 10.63 -13.41
C SER A 486 3.18 9.72 -13.33
N ASP A 487 3.40 8.40 -13.28
CA ASP A 487 2.35 7.44 -13.58
C ASP A 487 2.50 6.19 -12.73
N SER A 488 1.36 5.51 -12.49
CA SER A 488 1.37 4.26 -11.73
C SER A 488 2.01 3.11 -12.50
N ALA A 489 2.33 3.31 -13.78
CA ALA A 489 2.91 2.24 -14.59
C ALA A 489 4.39 1.98 -14.31
N TRP A 490 5.11 2.96 -13.80
CA TRP A 490 6.56 2.87 -13.62
C TRP A 490 6.91 2.48 -12.20
N LEU A 491 7.86 1.56 -12.07
CA LEU A 491 8.32 1.07 -10.78
C LEU A 491 9.78 1.46 -10.62
N LYS A 492 10.10 2.08 -9.48
CA LYS A 492 11.49 2.39 -9.16
C LYS A 492 12.21 1.08 -8.82
N VAL A 493 13.24 0.75 -9.59
CA VAL A 493 13.98 -0.49 -9.36
C VAL A 493 15.47 -0.27 -9.15
N GLY A 494 16.01 0.90 -9.47
CA GLY A 494 17.43 1.14 -9.32
C GLY A 494 17.73 2.61 -9.19
N ARG A 495 18.96 2.90 -8.79
CA ARG A 495 19.44 4.27 -8.64
C ARG A 495 20.45 4.58 -9.72
N VAL A 496 20.47 5.86 -10.13
CA VAL A 496 21.42 6.35 -11.12
C VAL A 496 22.61 6.98 -10.40
N THR B 1 -36.46 6.45 -10.01
CA THR B 1 -35.79 7.41 -10.88
C THR B 1 -35.51 6.80 -12.25
N ARG B 2 -35.92 7.51 -13.30
CA ARG B 2 -35.69 7.02 -14.66
C ARG B 2 -34.20 6.93 -14.96
N LYS B 3 -33.78 5.81 -15.54
CA LYS B 3 -32.37 5.60 -15.87
C LYS B 3 -31.95 6.50 -17.01
N ALA B 4 -30.71 6.97 -16.95
CA ALA B 4 -30.15 7.78 -18.02
C ALA B 4 -29.90 6.93 -19.26
N VAL B 5 -30.13 7.52 -20.43
CA VAL B 5 -29.79 6.89 -21.70
C VAL B 5 -29.02 7.95 -22.49
N ILE B 6 -27.69 7.84 -22.50
CA ILE B 6 -26.83 8.88 -23.04
C ILE B 6 -26.20 8.36 -24.31
N GLY B 7 -26.63 8.90 -25.45
CA GLY B 7 -26.10 8.51 -26.74
C GLY B 7 -25.22 9.61 -27.34
N TYR B 8 -23.99 9.23 -27.68
CA TYR B 8 -23.10 10.16 -28.35
C TYR B 8 -23.57 10.38 -29.78
N TYR B 9 -23.54 11.64 -30.20
CA TYR B 9 -23.65 12.00 -31.62
C TYR B 9 -22.29 12.56 -32.04
N PHE B 10 -21.58 11.80 -32.86
CA PHE B 10 -20.31 12.25 -33.39
C PHE B 10 -20.45 12.56 -34.87
N ILE B 11 -19.89 13.69 -35.28
CA ILE B 11 -19.90 14.09 -36.69
C ILE B 11 -18.59 14.80 -36.99
N PRO B 12 -17.80 14.29 -37.94
CA PRO B 12 -16.50 14.93 -38.23
C PRO B 12 -16.69 16.35 -38.78
N THR B 13 -15.62 17.15 -38.67
CA THR B 13 -15.66 18.53 -39.13
C THR B 13 -16.06 18.60 -40.60
N ASN B 14 -15.53 17.69 -41.39
CA ASN B 14 -15.86 17.60 -42.81
C ASN B 14 -17.33 17.38 -43.06
N GLN B 15 -17.97 16.55 -42.25
CA GLN B 15 -19.39 16.28 -42.41
C GLN B 15 -20.23 17.47 -41.97
N ILE B 16 -19.76 18.23 -40.98
CA ILE B 16 -20.44 19.45 -40.60
C ILE B 16 -20.38 20.46 -41.73
N ASN B 17 -19.18 20.64 -42.30
CA ASN B 17 -18.96 21.64 -43.34
C ASN B 17 -19.75 21.33 -44.61
N ASN B 18 -20.07 20.07 -44.85
CA ASN B 18 -20.82 19.65 -46.03
C ASN B 18 -22.12 18.98 -45.62
N TYR B 19 -22.69 19.42 -44.50
CA TYR B 19 -23.85 18.76 -43.93
C TYR B 19 -25.02 18.71 -44.90
N THR B 20 -25.66 17.55 -44.97
CA THR B 20 -26.89 17.36 -45.72
C THR B 20 -27.66 16.21 -45.07
N GLU B 21 -28.98 16.30 -45.15
CA GLU B 21 -29.85 15.26 -44.63
C GLU B 21 -30.37 14.35 -45.72
N THR B 22 -29.84 14.46 -46.94
CA THR B 22 -30.40 13.75 -48.08
C THR B 22 -29.38 12.86 -48.80
N ASP B 23 -28.17 12.72 -48.28
CA ASP B 23 -27.14 11.99 -49.03
C ASP B 23 -26.19 11.32 -48.04
N THR B 24 -26.29 9.99 -47.94
CA THR B 24 -25.44 9.21 -47.05
C THR B 24 -23.99 9.13 -47.52
N SER B 25 -23.70 9.53 -48.78
CA SER B 25 -22.32 9.46 -49.25
C SER B 25 -21.44 10.53 -48.62
N VAL B 26 -22.03 11.65 -48.19
CA VAL B 26 -21.26 12.67 -47.48
C VAL B 26 -21.57 12.68 -45.99
N VAL B 27 -22.83 12.54 -45.59
CA VAL B 27 -23.19 12.47 -44.18
C VAL B 27 -24.00 11.21 -43.94
N PRO B 28 -23.35 10.13 -43.45
CA PRO B 28 -24.07 8.85 -43.29
C PRO B 28 -25.21 8.87 -42.28
N PHE B 29 -25.13 9.69 -41.24
CA PHE B 29 -26.12 9.72 -40.17
C PHE B 29 -26.52 11.16 -39.82
N PRO B 30 -27.36 11.78 -40.63
CA PRO B 30 -27.83 13.14 -40.31
C PRO B 30 -28.80 13.13 -39.13
N VAL B 31 -28.99 14.32 -38.56
CA VAL B 31 -29.89 14.46 -37.40
C VAL B 31 -31.30 13.98 -37.73
N SER B 32 -31.71 14.10 -39.00
CA SER B 32 -33.01 13.61 -39.42
C SER B 32 -33.20 12.14 -39.10
N ASN B 33 -32.11 11.35 -39.06
CA ASN B 33 -32.25 9.93 -38.71
C ASN B 33 -32.72 9.74 -37.28
N ILE B 34 -32.65 10.78 -36.44
CA ILE B 34 -33.13 10.70 -35.07
C ILE B 34 -34.60 11.14 -35.12
N THR B 35 -35.49 10.16 -35.19
CA THR B 35 -36.93 10.41 -35.29
C THR B 35 -37.47 10.80 -33.93
N PRO B 36 -38.72 11.29 -33.85
CA PRO B 36 -39.30 11.57 -32.53
C PRO B 36 -39.28 10.38 -31.58
N ALA B 37 -39.48 9.17 -32.10
CA ALA B 37 -39.46 7.99 -31.24
C ALA B 37 -38.08 7.80 -30.61
N LYS B 38 -37.02 8.00 -31.39
CA LYS B 38 -35.69 7.82 -30.85
C LYS B 38 -35.35 8.91 -29.84
N ALA B 39 -35.77 10.15 -30.11
CA ALA B 39 -35.54 11.23 -29.16
C ALA B 39 -36.23 10.96 -27.82
N LYS B 40 -37.37 10.26 -27.83
CA LYS B 40 -38.04 9.93 -26.58
C LYS B 40 -37.35 8.81 -25.83
N GLN B 41 -36.57 7.99 -26.52
CA GLN B 41 -35.85 6.89 -25.89
C GLN B 41 -34.51 7.34 -25.32
N LEU B 42 -34.11 8.57 -25.64
CA LEU B 42 -32.86 9.16 -25.16
C LEU B 42 -33.16 10.11 -24.02
N THR B 43 -32.23 10.18 -23.07
CA THR B 43 -32.26 11.25 -22.08
C THR B 43 -31.21 12.32 -22.36
N HIS B 44 -30.09 11.94 -22.98
CA HIS B 44 -29.00 12.86 -23.30
C HIS B 44 -28.45 12.52 -24.67
N ILE B 45 -28.12 13.55 -25.45
CA ILE B 45 -27.31 13.39 -26.65
C ILE B 45 -26.01 14.15 -26.43
N ASN B 46 -24.88 13.45 -26.48
CA ASN B 46 -23.56 14.07 -26.36
C ASN B 46 -23.06 14.43 -27.75
N PHE B 47 -23.20 15.70 -28.16
CA PHE B 47 -22.61 16.14 -29.41
C PHE B 47 -21.09 16.14 -29.27
N SER B 48 -20.40 15.57 -30.25
CA SER B 48 -18.95 15.37 -30.16
C SER B 48 -18.33 15.51 -31.54
N PHE B 49 -17.09 16.01 -31.60
CA PHE B 49 -16.31 16.46 -30.44
C PHE B 49 -15.88 17.91 -30.55
N LEU B 50 -15.87 18.62 -29.42
CA LEU B 50 -15.19 19.90 -29.31
C LEU B 50 -13.85 19.69 -28.60
N ASP B 51 -13.03 20.74 -28.57
CA ASP B 51 -11.62 20.63 -28.18
C ASP B 51 -11.26 21.81 -27.27
N ILE B 52 -10.04 21.78 -26.75
CA ILE B 52 -9.44 22.93 -26.07
C ILE B 52 -8.32 23.45 -26.96
N ASN B 53 -8.41 24.71 -27.36
CA ASN B 53 -7.44 25.27 -28.28
C ASN B 53 -6.20 25.73 -27.53
N SER B 54 -5.23 26.26 -28.26
CA SER B 54 -3.97 26.70 -27.66
C SER B 54 -4.15 27.95 -26.81
N ASN B 55 -5.30 28.61 -26.91
CA ASN B 55 -5.63 29.71 -25.99
C ASN B 55 -6.22 29.17 -24.70
N LEU B 56 -6.22 27.84 -24.53
CA LEU B 56 -6.70 27.17 -23.33
C LEU B 56 -8.15 27.49 -23.03
N GLU B 57 -8.96 27.53 -24.07
CA GLU B 57 -10.40 27.71 -23.94
C GLU B 57 -11.07 26.60 -24.73
N CYS B 58 -12.29 26.29 -24.32
CA CYS B 58 -13.10 25.35 -25.09
C CYS B 58 -13.45 25.99 -26.44
N ALA B 59 -13.29 25.23 -27.52
CA ALA B 59 -13.59 25.75 -28.84
C ALA B 59 -13.82 24.61 -29.83
N TRP B 60 -14.43 24.95 -30.95
CA TRP B 60 -14.58 24.04 -32.07
C TRP B 60 -13.24 23.83 -32.78
N ASP B 61 -13.18 22.76 -33.58
CA ASP B 61 -12.10 22.56 -34.52
C ASP B 61 -11.92 23.81 -35.38
N PRO B 62 -10.70 24.38 -35.47
CA PRO B 62 -10.49 25.60 -36.25
C PRO B 62 -10.98 25.52 -37.69
N ALA B 63 -11.08 24.32 -38.23
CA ALA B 63 -11.57 24.12 -39.60
C ALA B 63 -13.09 24.06 -39.70
N THR B 64 -13.80 24.24 -38.60
CA THR B 64 -15.25 24.12 -38.61
C THR B 64 -15.88 25.37 -39.22
N ASN B 65 -16.90 25.18 -40.04
CA ASN B 65 -17.70 26.30 -40.52
C ASN B 65 -18.76 26.56 -39.45
N ASP B 66 -18.66 27.71 -38.80
CA ASP B 66 -19.52 27.99 -37.64
C ASP B 66 -20.99 27.99 -38.01
N ALA B 67 -21.36 28.55 -39.16
CA ALA B 67 -22.77 28.62 -39.53
C ALA B 67 -23.36 27.24 -39.74
N LYS B 68 -22.62 26.36 -40.41
CA LYS B 68 -23.12 25.00 -40.60
C LYS B 68 -23.16 24.24 -39.26
N ALA B 69 -22.16 24.45 -38.40
CA ALA B 69 -22.14 23.79 -37.11
C ALA B 69 -23.30 24.24 -36.23
N ARG B 70 -23.61 25.54 -36.23
CA ARG B 70 -24.74 26.05 -35.46
C ARG B 70 -26.04 25.44 -35.94
N ASP B 71 -26.16 25.23 -37.24
CA ASP B 71 -27.38 24.63 -37.79
C ASP B 71 -27.52 23.18 -37.35
N VAL B 72 -26.41 22.42 -37.34
CA VAL B 72 -26.48 21.03 -36.88
C VAL B 72 -26.91 20.98 -35.42
N VAL B 73 -26.34 21.84 -34.58
CA VAL B 73 -26.73 21.88 -33.17
C VAL B 73 -28.21 22.23 -33.05
N ASN B 74 -28.68 23.17 -33.89
CA ASN B 74 -30.10 23.56 -33.83
C ASN B 74 -31.02 22.40 -34.26
N ARG B 75 -30.55 21.59 -35.20
CA ARG B 75 -31.33 20.42 -35.61
C ARG B 75 -31.48 19.49 -34.40
N LEU B 76 -30.39 19.35 -33.62
CA LEU B 76 -30.41 18.52 -32.43
C LEU B 76 -31.22 19.09 -31.30
N THR B 77 -31.10 20.36 -31.00
CA THR B 77 -31.92 20.94 -29.94
C THR B 77 -33.39 20.99 -30.32
N ALA B 78 -33.70 21.00 -31.62
CA ALA B 78 -35.10 20.94 -32.02
C ALA B 78 -35.73 19.63 -31.56
N LEU B 79 -34.93 18.57 -31.39
CA LEU B 79 -35.47 17.29 -30.95
C LEU B 79 -36.11 17.36 -29.56
N LYS B 80 -35.78 18.40 -28.78
CA LYS B 80 -36.34 18.54 -27.44
C LYS B 80 -37.84 18.75 -27.46
N ALA B 81 -38.40 19.17 -28.60
CA ALA B 81 -39.85 19.32 -28.68
C ALA B 81 -40.54 17.97 -28.52
N HIS B 82 -39.87 16.88 -28.87
CA HIS B 82 -40.45 15.55 -28.76
C HIS B 82 -40.18 14.90 -27.41
N ASN B 83 -39.30 15.49 -26.59
CA ASN B 83 -38.91 14.90 -25.31
C ASN B 83 -38.48 16.03 -24.39
N PRO B 84 -39.36 16.47 -23.48
CA PRO B 84 -39.00 17.58 -22.58
C PRO B 84 -37.93 17.23 -21.57
N SER B 85 -37.50 15.97 -21.50
CA SER B 85 -36.43 15.57 -20.60
C SER B 85 -35.07 15.51 -21.31
N LEU B 86 -35.05 15.66 -22.63
CA LEU B 86 -33.83 15.48 -23.40
C LEU B 86 -32.87 16.64 -23.17
N ARG B 87 -31.59 16.30 -22.98
CA ARG B 87 -30.52 17.28 -22.91
C ARG B 87 -29.57 17.06 -24.09
N ILE B 88 -29.21 18.15 -24.76
CA ILE B 88 -28.19 18.10 -25.80
C ILE B 88 -26.89 18.58 -25.17
N MET B 89 -26.06 17.64 -24.75
CA MET B 89 -24.75 17.97 -24.22
C MET B 89 -23.77 18.17 -25.37
N PHE B 90 -22.63 18.77 -25.05
CA PHE B 90 -21.49 18.79 -25.96
C PHE B 90 -20.28 18.24 -25.22
N SER B 91 -19.46 17.48 -25.95
CA SER B 91 -18.30 16.80 -25.38
C SER B 91 -17.01 17.46 -25.84
N ILE B 92 -16.11 17.69 -24.90
CA ILE B 92 -14.78 18.23 -25.16
C ILE B 92 -13.77 17.10 -25.03
N GLY B 93 -13.01 16.85 -26.09
CA GLY B 93 -11.96 15.86 -25.99
C GLY B 93 -12.08 14.71 -26.96
N GLY B 94 -12.14 13.49 -26.44
CA GLY B 94 -12.03 12.30 -27.26
C GLY B 94 -10.60 11.85 -27.40
N TRP B 95 -10.44 10.61 -27.89
CA TRP B 95 -9.10 10.04 -28.02
C TRP B 95 -8.22 10.89 -28.92
N TYR B 96 -8.72 11.26 -30.10
CA TYR B 96 -7.92 11.95 -31.10
C TYR B 96 -7.36 13.26 -30.57
N TYR B 97 -8.19 14.04 -29.86
CA TYR B 97 -7.74 15.34 -29.37
C TYR B 97 -6.89 15.23 -28.11
N SER B 98 -7.29 14.36 -27.17
CA SER B 98 -6.81 14.48 -25.79
C SER B 98 -5.88 13.37 -25.34
N ASN B 99 -5.61 12.36 -26.16
CA ASN B 99 -4.71 11.31 -25.69
C ASN B 99 -3.28 11.86 -25.57
N ASP B 100 -2.45 11.12 -24.81
CA ASP B 100 -1.10 11.58 -24.49
C ASP B 100 -0.36 12.07 -25.72
N LEU B 101 -0.52 11.36 -26.84
CA LEU B 101 0.16 11.73 -28.08
C LEU B 101 -0.79 12.43 -29.06
N GLY B 102 -1.96 12.90 -28.58
CA GLY B 102 -2.91 13.56 -29.46
C GLY B 102 -2.53 15.00 -29.76
N VAL B 103 -3.14 15.53 -30.83
CA VAL B 103 -2.76 16.83 -31.39
C VAL B 103 -2.83 17.94 -30.35
N SER B 104 -3.82 17.89 -29.44
CA SER B 104 -4.07 19.01 -28.54
C SER B 104 -3.79 18.69 -27.08
N HIS B 105 -3.07 17.60 -26.79
CA HIS B 105 -2.92 17.15 -25.40
C HIS B 105 -2.41 18.24 -24.48
N ALA B 106 -1.44 19.04 -24.95
CA ALA B 106 -0.83 20.07 -24.10
C ALA B 106 -1.87 21.09 -23.63
N ASN B 107 -2.87 21.38 -24.47
CA ASN B 107 -3.88 22.36 -24.09
C ASN B 107 -4.70 21.89 -22.89
N TYR B 108 -4.95 20.58 -22.79
CA TYR B 108 -5.68 20.07 -21.63
C TYR B 108 -4.84 20.19 -20.37
N VAL B 109 -3.56 19.84 -20.47
CA VAL B 109 -2.66 19.95 -19.31
C VAL B 109 -2.57 21.39 -18.85
N ASN B 110 -2.48 22.33 -19.79
CA ASN B 110 -2.26 23.72 -19.40
C ASN B 110 -3.53 24.42 -18.93
N ALA B 111 -4.69 24.04 -19.48
CA ALA B 111 -5.93 24.73 -19.12
C ALA B 111 -6.28 24.54 -17.65
N VAL B 112 -5.90 23.41 -17.07
CA VAL B 112 -6.23 23.12 -15.67
C VAL B 112 -5.10 23.48 -14.72
N LYS B 113 -4.01 24.09 -15.22
CA LYS B 113 -2.81 24.23 -14.39
C LYS B 113 -2.96 25.28 -13.28
N THR B 114 -3.52 26.43 -13.56
CA THR B 114 -3.56 27.53 -12.60
C THR B 114 -4.98 27.98 -12.32
N PRO B 115 -5.19 28.70 -11.20
CA PRO B 115 -6.53 29.25 -10.95
C PRO B 115 -7.01 30.14 -12.08
N ALA B 116 -6.11 30.94 -12.67
CA ALA B 116 -6.50 31.83 -13.76
C ALA B 116 -6.85 31.05 -15.01
N SER B 117 -6.07 30.01 -15.34
CA SER B 117 -6.36 29.24 -16.56
C SER B 117 -7.65 28.45 -16.40
N ARG B 118 -7.89 27.92 -15.20
CA ARG B 118 -9.12 27.16 -14.94
C ARG B 118 -10.36 28.05 -15.02
N ALA B 119 -10.30 29.23 -14.40
CA ALA B 119 -11.43 30.16 -14.51
C ALA B 119 -11.67 30.53 -15.96
N LYS B 120 -10.60 30.80 -16.71
CA LYS B 120 -10.75 31.13 -18.13
C LYS B 120 -11.33 29.96 -18.91
N PHE B 121 -10.86 28.75 -18.64
CA PHE B 121 -11.39 27.58 -19.34
C PHE B 121 -12.83 27.29 -18.93
N ALA B 122 -13.11 27.33 -17.62
CA ALA B 122 -14.47 27.07 -17.16
C ALA B 122 -15.45 28.06 -17.77
N GLN B 123 -15.09 29.32 -17.87
CA GLN B 123 -16.00 30.30 -18.47
C GLN B 123 -16.23 30.03 -19.92
N SER B 124 -15.22 29.59 -20.60
CA SER B 124 -15.34 29.27 -21.99
C SER B 124 -16.35 28.14 -22.18
N CYS B 125 -16.43 27.21 -21.25
CA CYS B 125 -17.36 26.10 -21.36
C CYS B 125 -18.79 26.52 -21.29
N VAL B 126 -19.08 27.37 -20.35
CA VAL B 126 -20.41 27.88 -20.17
C VAL B 126 -20.81 28.74 -21.32
N ARG B 127 -19.85 29.52 -21.81
CA ARG B 127 -20.06 30.43 -22.92
C ARG B 127 -20.40 29.67 -24.20
N ILE B 128 -19.68 28.57 -24.43
CA ILE B 128 -19.91 27.76 -25.56
C ILE B 128 -21.28 27.15 -25.41
N MET B 129 -21.63 26.72 -24.23
CA MET B 129 -22.90 26.10 -23.99
C MET B 129 -24.06 27.03 -24.23
N LYS B 130 -24.00 28.23 -23.68
CA LYS B 130 -25.09 29.18 -23.85
C LYS B 130 -25.16 29.73 -25.28
N ASP B 131 -24.00 29.99 -25.89
CA ASP B 131 -23.98 30.57 -27.23
C ASP B 131 -24.59 29.64 -28.26
N TYR B 132 -24.38 28.34 -28.10
CA TYR B 132 -24.82 27.38 -29.10
C TYR B 132 -26.09 26.65 -28.70
N GLY B 133 -26.57 26.83 -27.48
CA GLY B 133 -27.81 26.25 -27.05
C GLY B 133 -27.71 24.87 -26.44
N PHE B 134 -26.53 24.47 -25.97
CA PHE B 134 -26.37 23.17 -25.33
C PHE B 134 -26.96 23.17 -23.93
N ASP B 135 -27.15 21.98 -23.38
CA ASP B 135 -27.79 21.82 -22.07
C ASP B 135 -26.83 21.36 -20.99
N GLY B 136 -25.54 21.21 -21.30
CA GLY B 136 -24.58 20.78 -20.32
C GLY B 136 -23.23 20.61 -20.96
N VAL B 137 -22.24 20.27 -20.12
CA VAL B 137 -20.85 20.14 -20.52
C VAL B 137 -20.37 18.73 -20.20
N ASP B 138 -19.78 18.06 -21.18
CA ASP B 138 -19.18 16.75 -20.97
C ASP B 138 -17.71 16.83 -21.35
N ILE B 139 -16.83 16.43 -20.43
CA ILE B 139 -15.39 16.44 -20.64
C ILE B 139 -14.93 15.01 -20.88
N ASP B 140 -14.21 14.78 -21.98
CA ASP B 140 -13.73 13.46 -22.32
C ASP B 140 -12.22 13.57 -22.54
N TRP B 141 -11.47 13.75 -21.46
CA TRP B 141 -10.01 13.79 -21.51
C TRP B 141 -9.51 12.38 -21.25
N GLU B 142 -8.76 11.84 -22.22
CA GLU B 142 -8.29 10.45 -22.16
C GLU B 142 -6.77 10.44 -22.19
N TYR B 143 -6.13 10.58 -21.02
CA TYR B 143 -6.76 10.80 -19.71
C TYR B 143 -5.84 11.69 -18.90
N PRO B 144 -6.37 12.42 -17.92
CA PRO B 144 -5.49 13.21 -17.05
C PRO B 144 -4.60 12.29 -16.22
N GLN B 145 -3.36 12.71 -16.03
CA GLN B 145 -2.42 11.93 -15.24
C GLN B 145 -2.34 12.48 -13.82
N ALA B 146 -1.64 11.72 -12.96
CA ALA B 146 -1.72 11.92 -11.51
C ALA B 146 -1.41 13.37 -11.11
N ALA B 147 -0.38 13.97 -11.71
CA ALA B 147 -0.03 15.34 -11.34
C ALA B 147 -1.00 16.35 -11.90
N GLU B 148 -1.84 15.96 -12.86
CA GLU B 148 -2.82 16.86 -13.45
C GLU B 148 -4.19 16.69 -12.83
N VAL B 149 -4.38 15.70 -11.96
CA VAL B 149 -5.70 15.35 -11.46
C VAL B 149 -6.29 16.49 -10.64
N ASP B 150 -5.52 17.01 -9.69
CA ASP B 150 -6.02 18.08 -8.82
C ASP B 150 -6.44 19.30 -9.63
N GLY B 151 -5.65 19.70 -10.63
CA GLY B 151 -6.04 20.83 -11.45
C GLY B 151 -7.26 20.52 -12.31
N PHE B 152 -7.32 19.29 -12.84
CA PHE B 152 -8.48 18.83 -13.57
C PHE B 152 -9.74 18.96 -12.72
N ILE B 153 -9.63 18.59 -11.44
CA ILE B 153 -10.76 18.58 -10.52
C ILE B 153 -11.20 19.98 -10.16
N ALA B 154 -10.24 20.88 -9.88
CA ALA B 154 -10.60 22.26 -9.61
C ALA B 154 -11.31 22.88 -10.80
N ALA B 155 -10.98 22.45 -12.02
CA ALA B 155 -11.69 22.93 -13.19
C ALA B 155 -13.14 22.43 -13.19
N LEU B 156 -13.33 21.15 -12.84
CA LEU B 156 -14.70 20.61 -12.78
C LEU B 156 -15.52 21.31 -11.72
N GLN B 157 -14.92 21.55 -10.54
CA GLN B 157 -15.60 22.31 -9.51
C GLN B 157 -16.01 23.68 -10.02
N GLU B 158 -15.12 24.34 -10.77
CA GLU B 158 -15.37 25.68 -11.24
C GLU B 158 -16.50 25.69 -12.27
N ILE B 159 -16.52 24.68 -13.15
CA ILE B 159 -17.62 24.55 -14.11
C ILE B 159 -18.93 24.28 -13.38
N ARG B 160 -18.89 23.46 -12.33
CA ARG B 160 -20.09 23.19 -11.55
C ARG B 160 -20.64 24.47 -10.93
N THR B 161 -19.75 25.31 -10.42
CA THR B 161 -20.19 26.58 -9.81
C THR B 161 -20.90 27.47 -10.83
N LEU B 162 -20.32 27.64 -12.01
CA LEU B 162 -20.93 28.53 -13.00
C LEU B 162 -22.19 27.92 -13.63
N LEU B 163 -22.27 26.59 -13.73
CA LEU B 163 -23.48 25.98 -14.26
C LEU B 163 -24.63 26.15 -13.29
N ASN B 164 -24.40 25.91 -12.00
CA ASN B 164 -25.45 26.08 -10.99
C ASN B 164 -25.96 27.51 -10.96
N GLN B 165 -25.06 28.48 -11.11
CA GLN B 165 -25.48 29.88 -11.23
C GLN B 165 -26.26 30.10 -12.53
N GLN B 166 -25.78 29.53 -13.63
CA GLN B 166 -26.49 29.69 -14.90
C GLN B 166 -27.86 29.02 -14.87
N THR B 167 -27.98 27.90 -14.16
CA THR B 167 -29.29 27.26 -14.02
C THR B 167 -30.28 28.16 -13.31
N ILE B 168 -29.84 28.82 -12.23
CA ILE B 168 -30.74 29.73 -11.51
C ILE B 168 -31.04 30.95 -12.36
N THR B 169 -30.01 31.51 -13.00
CA THR B 169 -30.18 32.69 -13.84
C THR B 169 -31.14 32.42 -14.98
N ASP B 170 -31.16 31.20 -15.50
CA ASP B 170 -32.01 30.85 -16.64
C ASP B 170 -33.31 30.18 -16.23
N GLY B 171 -33.56 30.03 -14.93
CA GLY B 171 -34.80 29.42 -14.48
C GLY B 171 -34.94 27.98 -14.91
N ARG B 172 -33.83 27.24 -14.96
CA ARG B 172 -33.82 25.87 -15.45
C ARG B 172 -33.88 24.85 -14.33
N GLN B 173 -34.53 25.19 -13.21
CA GLN B 173 -34.62 24.25 -12.09
C GLN B 173 -35.26 22.93 -12.50
N ALA B 174 -36.16 22.96 -13.48
CA ALA B 174 -36.81 21.74 -13.94
C ALA B 174 -35.86 20.87 -14.75
N LEU B 175 -34.88 21.48 -15.42
CA LEU B 175 -33.92 20.76 -16.24
C LEU B 175 -32.56 21.43 -16.06
N PRO B 176 -31.92 21.21 -14.92
CA PRO B 176 -30.68 21.94 -14.62
C PRO B 176 -29.58 21.61 -15.62
N TYR B 177 -28.71 22.59 -15.85
CA TYR B 177 -27.50 22.36 -16.64
C TYR B 177 -26.63 21.32 -15.93
N GLN B 178 -26.06 20.41 -16.71
CA GLN B 178 -25.35 19.28 -16.12
C GLN B 178 -23.87 19.27 -16.52
N LEU B 179 -23.09 18.56 -15.70
CA LEU B 179 -21.66 18.35 -15.94
C LEU B 179 -21.38 16.86 -15.81
N THR B 180 -20.73 16.31 -16.83
CA THR B 180 -20.37 14.91 -16.85
C THR B 180 -18.97 14.78 -17.43
N ILE B 181 -18.37 13.60 -17.25
CA ILE B 181 -17.16 13.23 -17.95
C ILE B 181 -17.34 11.83 -18.48
N ALA B 182 -16.53 11.48 -19.49
CA ALA B 182 -16.33 10.08 -19.84
C ALA B 182 -15.13 9.60 -19.04
N GLY B 183 -15.33 8.58 -18.24
CA GLY B 183 -14.27 8.03 -17.45
C GLY B 183 -13.74 6.76 -18.07
N ALA B 184 -12.55 6.37 -17.63
CA ALA B 184 -11.95 5.13 -18.09
C ALA B 184 -12.81 3.94 -17.69
N GLY B 185 -12.86 2.93 -18.56
CA GLY B 185 -13.57 1.70 -18.27
C GLY B 185 -12.66 0.51 -18.07
N GLY B 186 -11.37 0.71 -17.93
CA GLY B 186 -10.44 -0.37 -17.64
C GLY B 186 -9.37 0.11 -16.69
N ALA B 187 -8.84 -0.83 -15.89
CA ALA B 187 -7.99 -0.48 -14.76
C ALA B 187 -6.73 0.28 -15.18
N PHE B 188 -6.20 0.03 -16.37
CA PHE B 188 -4.92 0.63 -16.74
C PHE B 188 -5.02 2.14 -16.79
N PHE B 189 -5.95 2.65 -17.60
CA PHE B 189 -6.16 4.09 -17.69
C PHE B 189 -6.81 4.64 -16.42
N LEU B 190 -7.69 3.86 -15.77
CA LEU B 190 -8.32 4.32 -14.54
C LEU B 190 -7.28 4.62 -13.47
N SER B 191 -6.20 3.83 -13.42
CA SER B 191 -5.21 4.00 -12.37
C SER B 191 -4.59 5.40 -12.37
N ARG B 192 -4.68 6.13 -13.49
CA ARG B 192 -4.11 7.48 -13.56
C ARG B 192 -4.71 8.41 -12.53
N TYR B 193 -6.02 8.30 -12.29
CA TYR B 193 -6.71 9.21 -11.40
C TYR B 193 -7.54 8.48 -10.35
N TYR B 194 -7.44 7.15 -10.29
CA TYR B 194 -8.32 6.34 -9.45
C TYR B 194 -8.36 6.83 -8.00
N SER B 195 -7.19 7.16 -7.43
CA SER B 195 -7.14 7.54 -6.03
C SER B 195 -8.00 8.76 -5.71
N LYS B 196 -8.32 9.59 -6.70
CA LYS B 196 -9.07 10.81 -6.47
C LYS B 196 -10.46 10.75 -7.12
N LEU B 197 -11.06 9.56 -7.18
CA LEU B 197 -12.36 9.43 -7.81
C LEU B 197 -13.42 10.24 -7.10
N ALA B 198 -13.39 10.28 -5.77
CA ALA B 198 -14.45 10.97 -5.04
C ALA B 198 -14.48 12.44 -5.37
N GLN B 199 -13.32 13.10 -5.33
CA GLN B 199 -13.28 14.53 -5.63
C GLN B 199 -13.57 14.79 -7.10
N ILE B 200 -13.27 13.82 -7.98
CA ILE B 200 -13.61 13.98 -9.40
C ILE B 200 -15.12 13.89 -9.59
N VAL B 201 -15.78 12.93 -8.93
CA VAL B 201 -17.20 12.67 -9.16
C VAL B 201 -18.08 13.68 -8.45
N ALA B 202 -17.62 14.25 -7.34
CA ALA B 202 -18.43 15.18 -6.54
C ALA B 202 -19.10 16.29 -7.34
N PRO B 203 -18.43 16.98 -8.28
CA PRO B 203 -19.12 18.01 -9.06
C PRO B 203 -19.91 17.50 -10.25
N LEU B 204 -19.90 16.20 -10.53
CA LEU B 204 -20.52 15.66 -11.72
C LEU B 204 -21.94 15.19 -11.46
N ASP B 205 -22.76 15.23 -12.51
CA ASP B 205 -24.04 14.54 -12.47
C ASP B 205 -23.86 13.06 -12.75
N TYR B 206 -22.95 12.73 -13.67
CA TYR B 206 -22.65 11.36 -14.01
C TYR B 206 -21.19 11.23 -14.41
N ILE B 207 -20.62 10.07 -14.16
CA ILE B 207 -19.38 9.66 -14.78
C ILE B 207 -19.71 8.51 -15.73
N ASN B 208 -19.46 8.72 -17.02
CA ASN B 208 -19.83 7.74 -18.04
C ASN B 208 -18.63 6.85 -18.29
N LEU B 209 -18.67 5.63 -17.75
CA LEU B 209 -17.55 4.71 -17.85
C LEU B 209 -17.46 4.19 -19.29
N MET B 210 -16.29 4.36 -19.91
CA MET B 210 -16.06 3.86 -21.25
C MET B 210 -15.75 2.36 -21.19
N THR B 211 -16.74 1.59 -20.73
CA THR B 211 -16.59 0.13 -20.54
C THR B 211 -16.71 -0.59 -21.88
N TYR B 212 -15.82 -0.22 -22.79
CA TYR B 212 -15.62 -0.88 -24.06
C TYR B 212 -14.18 -0.63 -24.46
N ASP B 213 -13.80 -1.11 -25.64
CA ASP B 213 -12.41 -1.09 -26.09
C ASP B 213 -11.50 -1.78 -25.08
N LEU B 214 -12.04 -2.74 -24.34
CA LEU B 214 -11.26 -3.58 -23.44
C LEU B 214 -10.52 -4.68 -24.19
N ALA B 215 -10.68 -4.72 -25.51
CA ALA B 215 -9.89 -5.53 -26.40
C ALA B 215 -9.73 -4.74 -27.69
N GLY B 216 -8.70 -5.07 -28.46
CA GLY B 216 -8.44 -4.36 -29.69
C GLY B 216 -7.14 -4.79 -30.34
N PRO B 217 -6.82 -4.19 -31.49
CA PRO B 217 -5.60 -4.60 -32.21
C PRO B 217 -4.32 -4.35 -31.43
N TRP B 218 -4.37 -3.53 -30.39
CA TRP B 218 -3.21 -3.30 -29.54
C TRP B 218 -2.96 -4.42 -28.54
N GLU B 219 -3.85 -5.40 -28.46
CA GLU B 219 -3.69 -6.58 -27.62
C GLU B 219 -3.31 -7.77 -28.50
N LYS B 220 -2.40 -8.60 -27.97
CA LYS B 220 -1.91 -9.77 -28.71
C LYS B 220 -2.95 -10.86 -28.88
N VAL B 221 -3.85 -11.03 -27.92
CA VAL B 221 -4.85 -12.08 -27.98
C VAL B 221 -6.22 -11.44 -28.21
N THR B 222 -7.01 -12.06 -29.08
CA THR B 222 -8.36 -11.59 -29.36
C THR B 222 -9.23 -11.79 -28.12
N ASN B 223 -10.19 -10.89 -27.95
CA ASN B 223 -11.04 -10.97 -26.77
C ASN B 223 -12.29 -10.12 -26.97
N HIS B 224 -13.24 -10.32 -26.08
CA HIS B 224 -14.44 -9.49 -26.07
C HIS B 224 -14.12 -8.10 -25.54
N GLN B 225 -14.53 -7.07 -26.28
CA GLN B 225 -14.17 -5.71 -25.94
C GLN B 225 -15.06 -5.11 -24.86
N ALA B 226 -16.16 -5.77 -24.50
CA ALA B 226 -17.05 -5.25 -23.47
C ALA B 226 -17.73 -6.41 -22.76
N ALA B 227 -16.94 -7.40 -22.36
CA ALA B 227 -17.50 -8.52 -21.61
C ALA B 227 -18.10 -8.02 -20.31
N LEU B 228 -19.30 -8.51 -19.98
CA LEU B 228 -19.93 -8.12 -18.73
C LEU B 228 -19.26 -8.81 -17.54
N PHE B 229 -19.08 -10.13 -17.63
CA PHE B 229 -18.39 -10.92 -16.62
C PHE B 229 -17.22 -11.65 -17.26
N GLY B 230 -16.35 -12.20 -16.42
CA GLY B 230 -15.13 -12.81 -16.92
C GLY B 230 -15.30 -14.24 -17.38
N ASP B 231 -14.44 -14.62 -18.33
CA ASP B 231 -14.36 -15.97 -18.85
C ASP B 231 -12.98 -16.53 -18.51
N ALA B 232 -12.95 -17.59 -17.68
CA ALA B 232 -11.69 -18.17 -17.22
C ALA B 232 -10.83 -18.66 -18.36
N ALA B 233 -11.42 -19.01 -19.50
CA ALA B 233 -10.65 -19.42 -20.67
C ALA B 233 -9.99 -18.26 -21.39
N GLY B 234 -10.45 -17.02 -21.13
CA GLY B 234 -9.92 -15.86 -21.79
C GLY B 234 -8.72 -15.29 -21.06
N PRO B 235 -8.10 -14.25 -21.62
CA PRO B 235 -6.90 -13.68 -21.01
C PRO B 235 -7.23 -12.96 -19.71
N THR B 236 -6.19 -12.81 -18.88
CA THR B 236 -6.29 -12.07 -17.63
C THR B 236 -5.26 -10.95 -17.66
N PHE B 237 -5.45 -9.95 -16.79
CA PHE B 237 -4.61 -8.78 -16.84
C PHE B 237 -4.11 -8.38 -15.47
N TYR B 238 -2.97 -7.71 -15.48
CA TYR B 238 -2.41 -7.10 -14.27
C TYR B 238 -3.37 -6.03 -13.75
N ASN B 239 -3.65 -6.08 -12.45
CA ASN B 239 -4.57 -5.09 -11.86
C ASN B 239 -3.78 -3.83 -11.52
N ALA B 240 -3.75 -2.90 -12.48
CA ALA B 240 -2.97 -1.67 -12.33
C ALA B 240 -3.41 -0.85 -11.13
N LEU B 241 -4.63 -1.05 -10.64
CA LEU B 241 -5.12 -0.24 -9.52
C LEU B 241 -4.35 -0.50 -8.24
N ARG B 242 -3.72 -1.66 -8.09
CA ARG B 242 -2.94 -1.89 -6.88
C ARG B 242 -1.67 -1.03 -6.85
N GLU B 243 -1.35 -0.36 -7.94
CA GLU B 243 -0.22 0.55 -8.03
C GLU B 243 -0.65 2.02 -7.99
N ALA B 244 -1.93 2.30 -7.75
CA ALA B 244 -2.39 3.68 -7.70
C ALA B 244 -1.95 4.35 -6.40
N ASN B 245 -1.81 5.68 -6.45
CA ASN B 245 -1.32 6.42 -5.28
C ASN B 245 -2.43 6.54 -4.24
N LEU B 246 -2.77 5.38 -3.67
CA LEU B 246 -3.85 5.29 -2.69
C LEU B 246 -3.36 5.43 -1.25
N GLY B 247 -2.12 5.06 -0.96
CA GLY B 247 -1.68 5.11 0.41
C GLY B 247 -2.28 4.03 1.30
N TRP B 248 -2.78 2.94 0.71
CA TRP B 248 -3.35 1.85 1.48
C TRP B 248 -2.27 0.85 1.86
N SER B 249 -2.60 -0.03 2.80
CA SER B 249 -1.70 -1.06 3.26
C SER B 249 -1.68 -2.22 2.26
N TRP B 250 -0.80 -3.19 2.50
CA TRP B 250 -0.72 -4.33 1.60
C TRP B 250 -2.01 -5.13 1.61
N GLU B 251 -2.58 -5.34 2.80
CA GLU B 251 -3.83 -6.10 2.89
C GLU B 251 -4.95 -5.41 2.14
N GLU B 252 -5.06 -4.09 2.33
CA GLU B 252 -6.12 -3.32 1.69
C GLU B 252 -5.98 -3.36 0.18
N LEU B 253 -4.75 -3.18 -0.32
CA LEU B 253 -4.52 -3.26 -1.76
C LEU B 253 -4.83 -4.64 -2.30
N THR B 254 -4.44 -5.68 -1.57
CA THR B 254 -4.65 -7.04 -2.04
C THR B 254 -6.13 -7.41 -2.07
N ARG B 255 -6.87 -7.12 -1.00
CA ARG B 255 -8.28 -7.45 -0.96
C ARG B 255 -9.06 -6.66 -2.01
N ALA B 256 -8.62 -5.46 -2.34
CA ALA B 256 -9.37 -4.65 -3.28
C ALA B 256 -9.01 -4.97 -4.73
N PHE B 257 -7.77 -5.36 -5.00
CA PHE B 257 -7.27 -5.47 -6.37
C PHE B 257 -6.62 -6.82 -6.62
N PRO B 258 -7.40 -7.90 -6.70
CA PRO B 258 -6.84 -9.21 -7.06
C PRO B 258 -6.20 -9.14 -8.44
N SER B 259 -5.08 -9.85 -8.60
CA SER B 259 -4.34 -9.75 -9.83
C SER B 259 -3.71 -11.12 -10.10
N PRO B 260 -3.74 -11.61 -11.35
CA PRO B 260 -4.44 -10.98 -12.47
C PRO B 260 -5.96 -11.12 -12.35
N PHE B 261 -6.69 -10.35 -13.15
CA PHE B 261 -8.14 -10.30 -13.08
C PHE B 261 -8.70 -10.22 -14.50
N SER B 262 -10.00 -10.47 -14.63
CA SER B 262 -10.69 -10.43 -15.93
C SER B 262 -11.15 -9.01 -16.22
N LEU B 263 -10.65 -8.44 -17.33
CA LEU B 263 -10.98 -7.08 -17.74
C LEU B 263 -12.40 -7.00 -18.28
N THR B 264 -13.36 -6.72 -17.41
CA THR B 264 -14.77 -6.78 -17.75
C THR B 264 -15.46 -5.48 -17.41
N VAL B 265 -16.71 -5.37 -17.86
CA VAL B 265 -17.54 -4.22 -17.51
C VAL B 265 -17.86 -4.25 -16.02
N ASP B 266 -18.23 -5.42 -15.50
CA ASP B 266 -18.48 -5.55 -14.07
C ASP B 266 -17.27 -5.15 -13.24
N ALA B 267 -16.06 -5.48 -13.74
CA ALA B 267 -14.85 -5.07 -13.03
C ALA B 267 -14.77 -3.56 -12.88
N ALA B 268 -14.94 -2.82 -13.98
CA ALA B 268 -14.82 -1.37 -13.92
C ALA B 268 -15.91 -0.76 -13.03
N VAL B 269 -17.10 -1.33 -13.03
CA VAL B 269 -18.16 -0.80 -12.17
C VAL B 269 -17.81 -1.05 -10.70
N GLN B 270 -17.42 -2.28 -10.36
CA GLN B 270 -17.10 -2.60 -8.97
C GLN B 270 -15.91 -1.78 -8.47
N GLN B 271 -14.92 -1.53 -9.33
CA GLN B 271 -13.76 -0.76 -8.90
C GLN B 271 -14.13 0.67 -8.55
N HIS B 272 -15.15 1.24 -9.21
CA HIS B 272 -15.63 2.55 -8.81
C HIS B 272 -16.39 2.47 -7.49
N LEU B 273 -17.19 1.41 -7.32
CA LEU B 273 -17.99 1.26 -6.11
C LEU B 273 -17.13 0.98 -4.88
N MET B 274 -15.90 0.51 -5.08
CA MET B 274 -15.02 0.21 -3.96
C MET B 274 -14.49 1.48 -3.28
N MET B 275 -14.58 2.63 -3.92
CA MET B 275 -14.08 3.87 -3.34
C MET B 275 -15.18 4.63 -2.63
N GLU B 276 -14.84 5.16 -1.46
CA GLU B 276 -15.76 6.00 -0.72
C GLU B 276 -16.04 7.28 -1.49
N GLY B 277 -17.29 7.73 -1.40
CA GLY B 277 -17.72 8.95 -2.06
C GLY B 277 -18.10 8.83 -3.52
N VAL B 278 -18.19 7.62 -4.06
CA VAL B 278 -18.60 7.43 -5.44
C VAL B 278 -19.97 6.76 -5.43
N PRO B 279 -21.07 7.51 -5.48
CA PRO B 279 -22.40 6.89 -5.39
C PRO B 279 -22.77 6.17 -6.68
N SER B 280 -23.41 5.00 -6.52
CA SER B 280 -23.79 4.19 -7.66
C SER B 280 -24.67 4.97 -8.63
N ALA B 281 -25.55 5.83 -8.11
CA ALA B 281 -26.46 6.57 -8.97
C ALA B 281 -25.73 7.50 -9.93
N LYS B 282 -24.46 7.80 -9.68
CA LYS B 282 -23.70 8.64 -10.60
C LYS B 282 -22.93 7.83 -11.62
N ILE B 283 -22.82 6.51 -11.42
CA ILE B 283 -22.10 5.65 -12.35
C ILE B 283 -23.02 5.31 -13.51
N VAL B 284 -22.54 5.54 -14.74
CA VAL B 284 -23.23 5.19 -15.96
C VAL B 284 -22.37 4.20 -16.73
N MET B 285 -22.96 3.08 -17.14
CA MET B 285 -22.24 2.04 -17.87
C MET B 285 -22.26 2.35 -19.36
N GLY B 286 -21.09 2.54 -19.96
CA GLY B 286 -21.01 2.69 -21.40
C GLY B 286 -21.08 1.34 -22.11
N VAL B 287 -21.70 1.35 -23.28
CA VAL B 287 -21.80 0.15 -24.13
C VAL B 287 -21.45 0.54 -25.57
N PRO B 288 -20.89 -0.38 -26.36
CA PRO B 288 -20.53 -0.03 -27.74
C PRO B 288 -21.61 -0.40 -28.73
N PHE B 289 -21.84 0.50 -29.69
CA PHE B 289 -22.70 0.23 -30.83
C PHE B 289 -21.90 -0.22 -32.04
N TYR B 290 -20.67 -0.66 -31.83
CA TYR B 290 -19.75 -1.04 -32.89
C TYR B 290 -19.05 -2.33 -32.49
N GLY B 291 -18.44 -2.96 -33.49
CA GLY B 291 -17.65 -4.15 -33.22
C GLY B 291 -16.20 -3.95 -33.60
N ARG B 292 -15.31 -4.76 -33.04
CA ARG B 292 -13.89 -4.68 -33.37
C ARG B 292 -13.49 -5.99 -34.03
N ALA B 293 -12.83 -5.89 -35.19
CA ALA B 293 -12.57 -7.02 -36.06
C ALA B 293 -11.08 -7.38 -36.04
N PHE B 294 -10.80 -8.68 -36.04
CA PHE B 294 -9.44 -9.19 -36.06
C PHE B 294 -9.33 -10.18 -37.22
N LYS B 295 -8.12 -10.27 -37.79
CA LYS B 295 -7.84 -11.20 -38.86
C LYS B 295 -6.70 -12.11 -38.46
N GLY B 296 -6.55 -13.22 -39.18
CA GLY B 296 -5.49 -14.14 -38.86
C GLY B 296 -5.70 -14.92 -37.59
N VAL B 297 -6.95 -15.15 -37.21
CA VAL B 297 -7.26 -15.92 -36.02
C VAL B 297 -7.23 -17.42 -36.33
N SER B 298 -7.11 -18.22 -35.28
CA SER B 298 -7.13 -19.67 -35.38
C SER B 298 -8.52 -20.18 -35.02
N GLY B 299 -8.76 -21.45 -35.33
CA GLY B 299 -10.03 -22.08 -35.03
C GLY B 299 -9.98 -22.88 -33.74
N GLY B 300 -11.12 -23.44 -33.37
CA GLY B 300 -11.25 -24.26 -32.18
C GLY B 300 -12.07 -23.62 -31.08
N ASN B 301 -12.24 -22.29 -31.11
CA ASN B 301 -13.08 -21.62 -30.13
C ASN B 301 -13.70 -20.37 -30.74
N GLY B 302 -14.18 -20.49 -31.98
CA GLY B 302 -14.89 -19.42 -32.63
C GLY B 302 -14.11 -18.14 -32.79
N GLY B 303 -12.77 -18.22 -32.76
CA GLY B 303 -11.94 -17.05 -32.89
C GLY B 303 -11.58 -16.38 -31.58
N GLN B 304 -12.16 -16.82 -30.47
CA GLN B 304 -11.86 -16.24 -29.17
C GLN B 304 -10.45 -16.62 -28.70
N TYR B 305 -9.78 -15.66 -28.06
CA TYR B 305 -8.57 -15.91 -27.28
C TYR B 305 -7.48 -16.52 -28.15
N SER B 306 -7.37 -16.03 -29.38
CA SER B 306 -6.38 -16.51 -30.33
C SER B 306 -5.43 -15.38 -30.68
N SER B 307 -4.20 -15.74 -31.03
CA SER B 307 -3.30 -14.77 -31.63
C SER B 307 -3.83 -14.34 -33.00
N HIS B 308 -3.35 -13.21 -33.48
CA HIS B 308 -3.90 -12.62 -34.69
C HIS B 308 -2.82 -11.82 -35.39
N SER B 309 -3.15 -11.39 -36.61
CA SER B 309 -2.25 -10.61 -37.45
C SER B 309 -2.89 -9.29 -37.85
N THR B 310 -3.64 -8.69 -36.94
CA THR B 310 -4.29 -7.41 -37.23
C THR B 310 -3.33 -6.26 -36.98
N PRO B 311 -3.15 -5.36 -37.95
CA PRO B 311 -2.35 -4.16 -37.69
C PRO B 311 -2.93 -3.37 -36.52
N GLY B 312 -2.04 -2.76 -35.74
CA GLY B 312 -2.43 -2.05 -34.54
C GLY B 312 -2.19 -0.57 -34.69
N GLU B 313 -1.60 -0.18 -35.81
CA GLU B 313 -1.25 1.21 -36.06
C GLU B 313 -2.48 2.07 -36.29
N ASP B 314 -2.37 3.34 -35.92
CA ASP B 314 -3.46 4.30 -36.11
C ASP B 314 -2.88 5.51 -36.85
N PRO B 315 -3.38 5.85 -38.05
CA PRO B 315 -4.52 5.20 -38.72
C PRO B 315 -4.18 3.85 -39.34
N TYR B 316 -5.15 3.21 -40.00
CA TYR B 316 -4.95 1.92 -40.65
C TYR B 316 -3.87 2.03 -41.73
N PRO B 317 -2.79 1.26 -41.63
CA PRO B 317 -1.62 1.52 -42.48
C PRO B 317 -1.72 1.04 -43.90
N SER B 318 -2.64 0.12 -44.22
CA SER B 318 -2.67 -0.40 -45.57
C SER B 318 -3.98 0.01 -46.23
N THR B 319 -4.21 -0.52 -47.44
CA THR B 319 -5.47 -0.35 -48.12
C THR B 319 -6.15 -1.70 -48.31
N ASP B 320 -5.66 -2.71 -47.59
CA ASP B 320 -6.22 -4.06 -47.53
C ASP B 320 -7.45 -4.04 -46.63
N TYR B 321 -8.64 -4.12 -47.21
CA TYR B 321 -9.90 -4.09 -46.47
C TYR B 321 -10.43 -5.52 -46.44
N TRP B 322 -10.00 -6.29 -45.44
CA TRP B 322 -10.18 -7.72 -45.39
C TRP B 322 -11.39 -8.17 -44.59
N LEU B 323 -12.27 -7.26 -44.18
CA LEU B 323 -13.49 -7.65 -43.48
C LEU B 323 -14.57 -7.87 -44.53
N VAL B 324 -14.84 -9.14 -44.84
CA VAL B 324 -15.74 -9.49 -45.93
C VAL B 324 -17.13 -8.94 -45.67
N GLY B 325 -17.70 -8.28 -46.67
CA GLY B 325 -19.04 -7.76 -46.58
C GLY B 325 -19.14 -6.34 -46.05
N CYS B 326 -18.08 -5.83 -45.39
CA CYS B 326 -18.04 -4.47 -44.79
C CYS B 326 -17.54 -3.47 -45.81
N GLU B 327 -18.46 -3.03 -46.62
CA GLU B 327 -18.08 -1.96 -47.52
C GLU B 327 -18.20 -0.60 -46.86
N GLU B 328 -18.79 -0.53 -45.65
CA GLU B 328 -18.62 0.67 -44.84
C GLU B 328 -17.19 0.80 -44.33
N CYS B 329 -16.52 -0.33 -44.04
CA CYS B 329 -15.10 -0.25 -43.74
C CYS B 329 -14.29 0.28 -44.92
N VAL B 330 -14.72 0.00 -46.15
CA VAL B 330 -14.03 0.57 -47.30
C VAL B 330 -14.18 2.09 -47.32
N ARG B 331 -15.38 2.59 -47.02
CA ARG B 331 -15.61 4.03 -47.01
C ARG B 331 -14.73 4.73 -45.98
N ASP B 332 -14.60 4.13 -44.80
CA ASP B 332 -13.78 4.69 -43.73
C ASP B 332 -12.34 4.22 -43.80
N LYS B 333 -12.02 3.32 -44.75
CA LYS B 333 -10.66 2.81 -44.96
C LYS B 333 -10.07 2.20 -43.70
N ASP B 334 -10.86 1.38 -43.02
CA ASP B 334 -10.38 0.63 -41.87
C ASP B 334 -11.26 -0.59 -41.63
N PRO B 335 -10.73 -1.81 -41.84
CA PRO B 335 -11.53 -3.02 -41.63
C PRO B 335 -11.56 -3.53 -40.20
N ARG B 336 -11.05 -2.78 -39.22
CA ARG B 336 -10.99 -3.24 -37.85
C ARG B 336 -12.18 -2.78 -37.00
N ILE B 337 -12.95 -1.80 -37.47
CA ILE B 337 -14.09 -1.25 -36.75
C ILE B 337 -15.30 -1.35 -37.66
N ALA B 338 -16.39 -1.92 -37.15
CA ALA B 338 -17.63 -2.03 -37.90
C ALA B 338 -18.81 -1.72 -37.00
N SER B 339 -19.69 -0.83 -37.45
CA SER B 339 -20.88 -0.46 -36.71
C SER B 339 -21.83 -1.65 -36.59
N TYR B 340 -22.70 -1.59 -35.58
CA TYR B 340 -23.69 -2.67 -35.42
C TYR B 340 -24.57 -2.78 -36.65
N ARG B 341 -24.89 -1.64 -37.27
CA ARG B 341 -25.66 -1.65 -38.50
C ARG B 341 -24.95 -2.43 -39.59
N GLN B 342 -23.65 -2.18 -39.77
CA GLN B 342 -22.91 -2.91 -40.78
C GLN B 342 -22.83 -4.39 -40.45
N LEU B 343 -22.63 -4.71 -39.18
CA LEU B 343 -22.50 -6.10 -38.76
C LEU B 343 -23.79 -6.87 -38.98
N GLU B 344 -24.93 -6.21 -38.78
CA GLU B 344 -26.21 -6.84 -39.03
C GLU B 344 -26.33 -7.24 -40.49
N GLN B 345 -26.00 -6.32 -41.40
CA GLN B 345 -26.11 -6.66 -42.81
C GLN B 345 -25.02 -7.65 -43.24
N MET B 346 -23.92 -7.71 -42.51
CA MET B 346 -22.94 -8.77 -42.79
C MET B 346 -23.49 -10.13 -42.40
N LEU B 347 -24.25 -10.20 -41.30
CA LEU B 347 -24.77 -11.49 -40.85
C LEU B 347 -25.84 -12.03 -41.77
N GLN B 348 -26.70 -11.15 -42.29
CA GLN B 348 -27.81 -11.57 -43.15
C GLN B 348 -27.42 -11.68 -44.62
N GLY B 349 -26.17 -11.40 -44.97
CA GLY B 349 -25.74 -11.31 -46.35
C GLY B 349 -24.96 -12.51 -46.87
N ASN B 350 -24.86 -13.59 -46.09
CA ASN B 350 -24.25 -14.85 -46.54
C ASN B 350 -22.76 -14.66 -46.87
N TYR B 351 -22.04 -14.05 -45.95
CA TYR B 351 -20.63 -13.75 -46.14
C TYR B 351 -19.72 -14.76 -45.44
N GLY B 352 -20.27 -15.76 -44.78
CA GLY B 352 -19.47 -16.76 -44.11
C GLY B 352 -19.35 -16.58 -42.61
N TYR B 353 -20.11 -15.66 -42.03
CA TYR B 353 -20.02 -15.39 -40.60
C TYR B 353 -21.03 -16.23 -39.85
N GLN B 354 -20.64 -16.64 -38.64
CA GLN B 354 -21.56 -17.26 -37.69
C GLN B 354 -21.68 -16.36 -36.48
N ARG B 355 -22.91 -16.14 -36.02
CA ARG B 355 -23.11 -15.45 -34.76
C ARG B 355 -23.04 -16.50 -33.64
N LEU B 356 -22.01 -16.42 -32.83
CA LEU B 356 -21.85 -17.29 -31.68
C LEU B 356 -22.07 -16.47 -30.41
N TRP B 357 -22.24 -17.16 -29.29
CA TRP B 357 -22.54 -16.51 -28.03
C TRP B 357 -21.68 -17.12 -26.94
N ASN B 358 -21.14 -16.26 -26.09
CA ASN B 358 -20.40 -16.70 -24.91
C ASN B 358 -21.32 -16.47 -23.72
N ASP B 359 -21.74 -17.53 -23.06
CA ASP B 359 -22.72 -17.34 -22.00
C ASP B 359 -22.08 -17.01 -20.67
N LYS B 360 -20.77 -16.80 -20.64
CA LYS B 360 -20.13 -16.30 -19.44
C LYS B 360 -19.94 -14.80 -19.51
N THR B 361 -19.38 -14.29 -20.62
CA THR B 361 -19.26 -12.85 -20.81
C THR B 361 -20.59 -12.21 -21.14
N LYS B 362 -21.58 -13.00 -21.58
CA LYS B 362 -22.90 -12.50 -21.99
C LYS B 362 -22.80 -11.53 -23.16
N THR B 363 -21.95 -11.86 -24.12
CA THR B 363 -21.76 -11.04 -25.30
C THR B 363 -21.68 -11.92 -26.53
N PRO B 364 -22.09 -11.40 -27.68
CA PRO B 364 -21.99 -12.15 -28.94
C PRO B 364 -20.63 -11.93 -29.60
N TYR B 365 -20.36 -12.76 -30.61
CA TYR B 365 -19.18 -12.59 -31.44
C TYR B 365 -19.39 -13.29 -32.77
N LEU B 366 -18.74 -12.76 -33.82
CA LEU B 366 -18.80 -13.34 -35.15
C LEU B 366 -17.50 -14.04 -35.47
N TYR B 367 -17.60 -15.15 -36.19
CA TYR B 367 -16.42 -15.90 -36.61
C TYR B 367 -16.54 -16.25 -38.09
N HIS B 368 -15.45 -16.03 -38.83
CA HIS B 368 -15.39 -16.34 -40.26
C HIS B 368 -14.36 -17.46 -40.42
N ALA B 369 -14.86 -18.68 -40.63
CA ALA B 369 -13.99 -19.85 -40.72
C ALA B 369 -13.10 -19.82 -41.95
N GLN B 370 -13.64 -19.40 -43.09
CA GLN B 370 -12.89 -19.43 -44.33
C GLN B 370 -11.68 -18.49 -44.25
N ASN B 371 -11.90 -17.22 -43.93
CA ASN B 371 -10.82 -16.24 -43.92
C ASN B 371 -10.24 -15.99 -42.53
N GLY B 372 -10.71 -16.70 -41.51
CA GLY B 372 -10.11 -16.56 -40.20
C GLY B 372 -10.30 -15.17 -39.60
N LEU B 373 -11.55 -14.73 -39.46
CA LEU B 373 -11.84 -13.42 -38.89
C LEU B 373 -12.63 -13.59 -37.59
N PHE B 374 -12.45 -12.64 -36.67
CA PHE B 374 -13.17 -12.58 -35.40
C PHE B 374 -13.65 -11.17 -35.17
N VAL B 375 -14.89 -11.04 -34.71
CA VAL B 375 -15.49 -9.76 -34.40
C VAL B 375 -16.12 -9.84 -33.01
N THR B 376 -15.77 -8.90 -32.14
CA THR B 376 -16.38 -8.76 -30.82
C THR B 376 -17.29 -7.55 -30.86
N TYR B 377 -18.53 -7.71 -30.40
CA TYR B 377 -19.51 -6.63 -30.46
C TYR B 377 -20.60 -6.90 -29.44
N ASP B 378 -21.56 -5.99 -29.37
CA ASP B 378 -22.72 -6.09 -28.51
C ASP B 378 -24.00 -6.01 -29.34
N ASP B 379 -25.09 -6.53 -28.78
CA ASP B 379 -26.39 -6.44 -29.46
C ASP B 379 -27.49 -6.34 -28.41
N ALA B 380 -28.74 -6.41 -28.88
CA ALA B 380 -29.90 -6.28 -27.99
C ALA B 380 -29.93 -7.37 -26.94
N GLU B 381 -29.28 -8.52 -27.20
CA GLU B 381 -29.32 -9.59 -26.22
C GLU B 381 -28.28 -9.39 -25.14
N SER B 382 -27.08 -8.90 -25.50
CA SER B 382 -26.13 -8.55 -24.46
C SER B 382 -26.62 -7.37 -23.64
N PHE B 383 -27.36 -6.45 -24.26
CA PHE B 383 -27.89 -5.31 -23.53
C PHE B 383 -28.90 -5.71 -22.47
N LYS B 384 -29.50 -6.91 -22.59
CA LYS B 384 -30.44 -7.33 -21.57
C LYS B 384 -29.75 -7.63 -20.25
N TYR B 385 -28.57 -8.24 -20.32
CA TYR B 385 -27.84 -8.53 -19.09
C TYR B 385 -27.23 -7.26 -18.51
N LYS B 386 -26.73 -6.39 -19.38
CA LYS B 386 -26.15 -5.13 -18.90
C LYS B 386 -27.22 -4.22 -18.29
N ALA B 387 -28.43 -4.22 -18.87
CA ALA B 387 -29.51 -3.42 -18.32
C ALA B 387 -29.93 -3.95 -16.95
N LYS B 388 -30.00 -5.27 -16.79
CA LYS B 388 -30.32 -5.81 -15.47
C LYS B 388 -29.22 -5.49 -14.47
N TYR B 389 -27.96 -5.57 -14.90
CA TYR B 389 -26.85 -5.19 -14.04
C TYR B 389 -26.98 -3.75 -13.58
N ILE B 390 -27.29 -2.84 -14.52
CA ILE B 390 -27.47 -1.43 -14.18
C ILE B 390 -28.52 -1.28 -13.09
N LYS B 391 -29.62 -2.02 -13.19
CA LYS B 391 -30.68 -1.90 -12.21
C LYS B 391 -30.30 -2.55 -10.89
N GLN B 392 -29.66 -3.71 -10.93
CA GLN B 392 -29.27 -4.41 -9.71
C GLN B 392 -28.27 -3.60 -8.90
N GLN B 393 -27.28 -3.02 -9.57
CA GLN B 393 -26.24 -2.23 -8.91
C GLN B 393 -26.67 -0.78 -8.69
N GLN B 394 -27.91 -0.44 -8.97
CA GLN B 394 -28.45 0.90 -8.76
C GLN B 394 -27.56 1.96 -9.41
N LEU B 395 -27.16 1.68 -10.65
CA LEU B 395 -26.34 2.61 -11.41
C LEU B 395 -27.23 3.71 -12.03
N GLY B 396 -26.57 4.76 -12.52
CA GLY B 396 -27.30 5.91 -13.02
C GLY B 396 -27.98 5.67 -14.35
N GLY B 397 -27.47 4.75 -15.15
CA GLY B 397 -28.04 4.48 -16.45
C GLY B 397 -26.98 3.93 -17.40
N VAL B 398 -27.20 4.18 -18.68
CA VAL B 398 -26.40 3.62 -19.75
C VAL B 398 -25.91 4.75 -20.66
N MET B 399 -24.76 4.54 -21.26
CA MET B 399 -24.20 5.44 -22.26
C MET B 399 -23.76 4.59 -23.44
N PHE B 400 -23.78 5.16 -24.65
CA PHE B 400 -23.29 4.39 -25.77
C PHE B 400 -22.60 5.27 -26.80
N TRP B 401 -21.67 4.66 -27.52
CA TRP B 401 -20.94 5.28 -28.62
C TRP B 401 -21.13 4.40 -29.86
N HIS B 402 -21.82 4.88 -30.88
CA HIS B 402 -22.58 6.14 -30.87
C HIS B 402 -23.84 5.97 -31.72
N LEU B 403 -24.71 6.99 -31.72
CA LEU B 403 -26.01 6.88 -32.39
C LEU B 403 -25.88 6.43 -33.84
N GLY B 404 -24.95 7.01 -34.58
CA GLY B 404 -24.80 6.75 -36.00
C GLY B 404 -24.44 5.32 -36.36
N GLN B 405 -24.20 4.48 -35.33
CA GLN B 405 -23.83 3.08 -35.54
C GLN B 405 -24.99 2.11 -35.32
N ASP B 406 -26.13 2.60 -34.83
CA ASP B 406 -27.31 1.76 -34.70
C ASP B 406 -27.85 1.40 -36.08
N ASN B 407 -28.69 0.38 -36.16
CA ASN B 407 -29.26 0.09 -37.45
C ASN B 407 -30.31 1.15 -37.78
N ARG B 408 -30.77 1.15 -39.04
CA ARG B 408 -31.65 2.23 -39.46
C ARG B 408 -32.96 2.20 -38.70
N ASN B 409 -33.35 1.04 -38.14
CA ASN B 409 -34.53 0.96 -37.29
C ASN B 409 -34.29 1.41 -35.84
N GLY B 410 -33.04 1.61 -35.44
CA GLY B 410 -32.71 1.99 -34.08
C GLY B 410 -33.02 0.96 -33.01
N ASP B 411 -32.75 -0.32 -33.29
CA ASP B 411 -33.12 -1.38 -32.35
C ASP B 411 -32.25 -1.38 -31.10
N LEU B 412 -30.98 -0.99 -31.21
CA LEU B 412 -30.15 -1.02 -30.01
C LEU B 412 -30.64 0.02 -29.00
N LEU B 413 -30.89 1.25 -29.46
CA LEU B 413 -31.42 2.26 -28.56
C LEU B 413 -32.79 1.86 -28.03
N ALA B 414 -33.65 1.31 -28.89
CA ALA B 414 -34.97 0.89 -28.44
C ALA B 414 -34.87 -0.24 -27.41
N ALA B 415 -33.93 -1.16 -27.60
CA ALA B 415 -33.76 -2.24 -26.64
C ALA B 415 -33.42 -1.70 -25.26
N LEU B 416 -32.49 -0.75 -25.21
CA LEU B 416 -32.10 -0.16 -23.92
C LEU B 416 -33.29 0.51 -23.25
N ASP B 417 -34.05 1.30 -24.01
CA ASP B 417 -35.20 1.97 -23.44
C ASP B 417 -36.25 0.96 -22.99
N ARG B 418 -36.47 -0.09 -23.78
CA ARG B 418 -37.40 -1.14 -23.40
C ARG B 418 -37.01 -1.80 -22.08
N TYR B 419 -35.74 -2.19 -21.95
CA TYR B 419 -35.34 -2.93 -20.76
C TYR B 419 -35.48 -2.11 -19.49
N PHE B 420 -35.42 -0.78 -19.60
CA PHE B 420 -35.55 0.10 -18.44
C PHE B 420 -36.99 0.51 -18.17
N ASN B 421 -37.78 0.74 -19.23
CA ASN B 421 -39.06 1.43 -19.10
C ASN B 421 -40.28 0.67 -19.60
N ALA B 422 -40.13 -0.37 -20.42
CA ALA B 422 -41.31 -1.02 -20.99
C ALA B 422 -42.07 -1.76 -19.90
N ALA B 423 -43.35 -1.43 -19.74
CA ALA B 423 -44.18 -2.08 -18.74
C ALA B 423 -44.37 -3.58 -19.01
N ASP B 424 -44.25 -4.01 -20.27
CA ASP B 424 -44.45 -5.41 -20.61
C ASP B 424 -43.15 -6.20 -20.73
N TYR B 425 -42.04 -5.65 -20.23
CA TYR B 425 -40.77 -6.37 -20.17
C TYR B 425 -40.47 -6.71 -18.73
N ASP B 426 -40.09 -7.95 -18.48
CA ASP B 426 -39.88 -8.46 -17.12
C ASP B 426 -38.61 -9.30 -17.13
N ASP B 427 -37.51 -8.75 -16.60
CA ASP B 427 -36.23 -9.46 -16.58
C ASP B 427 -35.91 -10.06 -15.22
N SER B 428 -36.91 -10.25 -14.36
CA SER B 428 -36.66 -10.76 -13.02
C SER B 428 -36.07 -12.15 -13.02
N GLN B 429 -36.30 -12.92 -14.09
CA GLN B 429 -35.79 -14.28 -14.18
C GLN B 429 -34.64 -14.42 -15.16
N LEU B 430 -34.13 -13.31 -15.69
CA LEU B 430 -33.03 -13.40 -16.65
C LEU B 430 -31.79 -13.92 -15.94
N ASP B 431 -31.14 -14.90 -16.54
CA ASP B 431 -30.03 -15.61 -15.91
C ASP B 431 -28.74 -14.83 -16.16
N MET B 432 -28.18 -14.25 -15.09
CA MET B 432 -26.94 -13.49 -15.23
C MET B 432 -25.72 -14.37 -15.44
N GLY B 433 -25.87 -15.70 -15.43
CA GLY B 433 -24.79 -16.60 -15.78
C GLY B 433 -23.83 -16.88 -14.63
N THR B 434 -22.81 -17.68 -14.95
CA THR B 434 -21.77 -18.06 -13.99
C THR B 434 -20.41 -17.52 -14.39
N GLY B 435 -20.36 -16.45 -15.20
CA GLY B 435 -19.09 -15.83 -15.53
C GLY B 435 -18.47 -15.19 -14.31
N LEU B 436 -17.16 -15.00 -14.33
CA LEU B 436 -16.47 -14.49 -13.14
C LEU B 436 -16.88 -13.07 -12.81
N ARG B 437 -17.12 -12.86 -11.50
CA ARG B 437 -17.43 -11.57 -10.93
C ARG B 437 -16.15 -10.95 -10.38
N TYR B 438 -16.15 -9.63 -10.26
CA TYR B 438 -15.04 -8.94 -9.60
C TYR B 438 -15.31 -8.91 -8.09
N THR B 439 -14.47 -9.60 -7.34
CA THR B 439 -14.66 -9.84 -5.91
C THR B 439 -13.88 -8.90 -4.99
N GLY B 440 -13.26 -7.84 -5.52
CA GLY B 440 -12.52 -6.93 -4.66
C GLY B 440 -13.43 -6.23 -3.67
N VAL B 441 -12.88 -5.90 -2.51
CA VAL B 441 -13.59 -5.17 -1.47
C VAL B 441 -12.73 -3.99 -1.06
N GLY B 442 -13.32 -2.79 -1.01
CA GLY B 442 -12.62 -1.60 -0.59
C GLY B 442 -13.38 -0.80 0.43
N PRO B 443 -12.92 0.43 0.71
CA PRO B 443 -13.59 1.23 1.75
C PRO B 443 -15.01 1.62 1.40
N GLY B 444 -15.35 1.74 0.12
CA GLY B 444 -16.67 2.17 -0.30
C GLY B 444 -17.73 1.10 -0.43
N ASN B 445 -17.39 -0.19 -0.35
CA ASN B 445 -18.37 -1.26 -0.49
C ASN B 445 -18.16 -2.32 0.59
N LEU B 446 -17.75 -1.89 1.78
CA LEU B 446 -17.57 -2.81 2.89
C LEU B 446 -18.91 -3.43 3.29
N PRO B 447 -18.97 -4.73 3.55
CA PRO B 447 -20.23 -5.35 3.95
C PRO B 447 -20.66 -4.90 5.34
N ILE B 448 -21.97 -4.94 5.57
CA ILE B 448 -22.51 -4.67 6.89
C ILE B 448 -22.17 -5.82 7.83
N MET B 449 -21.62 -5.48 9.00
CA MET B 449 -21.21 -6.47 9.98
C MET B 449 -21.55 -5.97 11.38
N THR B 450 -21.54 -6.89 12.33
CA THR B 450 -21.76 -6.61 13.74
C THR B 450 -20.60 -7.16 14.55
N ALA B 451 -20.17 -6.42 15.56
CA ALA B 451 -19.04 -6.85 16.40
C ALA B 451 -19.12 -6.14 17.74
N PRO B 452 -18.60 -6.73 18.81
CA PRO B 452 -18.58 -6.04 20.11
C PRO B 452 -17.79 -4.74 20.03
N ALA B 453 -18.22 -3.75 20.81
CA ALA B 453 -17.53 -2.48 20.82
C ALA B 453 -16.10 -2.65 21.32
N TYR B 454 -15.18 -1.87 20.76
CA TYR B 454 -13.81 -1.91 21.20
C TYR B 454 -13.72 -1.43 22.64
N VAL B 455 -12.85 -2.05 23.43
CA VAL B 455 -12.67 -1.69 24.83
C VAL B 455 -11.22 -1.29 25.07
N PRO B 456 -10.93 -0.02 25.38
CA PRO B 456 -9.56 0.36 25.72
C PRO B 456 -9.07 -0.43 26.94
N GLY B 457 -7.82 -0.88 26.87
CA GLY B 457 -7.23 -1.68 27.92
C GLY B 457 -7.32 -3.17 27.68
N THR B 458 -7.94 -3.58 26.58
CA THR B 458 -8.10 -5.01 26.28
C THR B 458 -6.97 -5.45 25.37
N THR B 459 -6.55 -6.70 25.53
CA THR B 459 -5.57 -7.30 24.63
C THR B 459 -6.29 -8.29 23.72
N TYR B 460 -6.24 -8.04 22.42
CA TYR B 460 -6.94 -8.84 21.44
C TYR B 460 -5.99 -9.82 20.77
N ALA B 461 -6.51 -11.01 20.49
CA ALA B 461 -5.81 -12.06 19.76
C ALA B 461 -5.99 -11.85 18.26
N GLN B 462 -5.24 -12.64 17.48
CA GLN B 462 -5.34 -12.56 16.02
C GLN B 462 -6.74 -12.98 15.58
N GLY B 463 -7.31 -12.22 14.65
CA GLY B 463 -8.62 -12.52 14.13
C GLY B 463 -9.79 -11.96 14.92
N ALA B 464 -9.53 -11.26 16.02
CA ALA B 464 -10.63 -10.67 16.79
C ALA B 464 -11.33 -9.57 16.00
N LEU B 465 -12.63 -9.45 16.20
CA LEU B 465 -13.45 -8.45 15.53
C LEU B 465 -14.06 -7.52 16.57
N VAL B 466 -13.98 -6.22 16.30
CA VAL B 466 -14.57 -5.21 17.17
C VAL B 466 -15.19 -4.13 16.30
N SER B 467 -16.12 -3.39 16.89
CA SER B 467 -16.73 -2.24 16.24
C SER B 467 -16.16 -0.98 16.86
N TYR B 468 -15.89 0.02 16.03
CA TYR B 468 -15.25 1.23 16.50
C TYR B 468 -15.46 2.32 15.47
N GLN B 469 -15.93 3.49 15.92
CA GLN B 469 -16.04 4.69 15.08
C GLN B 469 -16.78 4.38 13.77
N GLY B 470 -17.74 3.47 13.83
CA GLY B 470 -18.63 3.21 12.71
C GLY B 470 -18.32 1.98 11.89
N TYR B 471 -17.17 1.34 12.12
CA TYR B 471 -16.74 0.21 11.30
C TYR B 471 -16.41 -0.98 12.20
N VAL B 472 -16.39 -2.15 11.58
CA VAL B 472 -15.90 -3.39 12.20
C VAL B 472 -14.48 -3.61 11.74
N TRP B 473 -13.59 -3.87 12.70
CA TRP B 473 -12.16 -4.05 12.45
C TRP B 473 -11.73 -5.46 12.87
N GLN B 474 -10.71 -5.97 12.18
CA GLN B 474 -10.15 -7.28 12.51
C GLN B 474 -8.65 -7.17 12.69
N THR B 475 -8.11 -7.89 13.69
CA THR B 475 -6.68 -7.89 13.94
C THR B 475 -5.97 -8.79 12.94
N LYS B 476 -4.87 -8.30 12.40
CA LYS B 476 -4.08 -9.08 11.46
C LYS B 476 -3.04 -9.96 12.16
N TRP B 477 -2.78 -9.72 13.44
CA TRP B 477 -1.92 -10.57 14.26
C TRP B 477 -2.35 -10.39 15.72
N GLY B 478 -1.65 -11.10 16.61
CA GLY B 478 -2.04 -11.15 18.02
C GLY B 478 -1.37 -10.14 18.95
N TYR B 479 -1.87 -10.12 20.18
CA TYR B 479 -1.39 -9.24 21.25
C TYR B 479 -1.54 -7.77 20.89
N ILE B 480 -2.76 -7.39 20.53
CA ILE B 480 -3.05 -6.04 20.08
C ILE B 480 -3.54 -5.25 21.30
N THR B 481 -2.82 -4.19 21.66
CA THR B 481 -3.14 -3.39 22.83
C THR B 481 -3.51 -1.94 22.54
N SER B 482 -3.68 -1.56 21.27
CA SER B 482 -4.12 -0.21 20.95
C SER B 482 -5.37 -0.23 20.09
N ALA B 483 -5.97 0.94 19.96
CA ALA B 483 -7.27 1.08 19.34
C ALA B 483 -7.20 1.02 17.82
N PRO B 484 -8.30 0.57 17.18
CA PRO B 484 -8.37 0.61 15.70
C PRO B 484 -8.14 2.02 15.19
N GLY B 485 -7.40 2.11 14.09
CA GLY B 485 -7.03 3.38 13.48
C GLY B 485 -5.76 3.95 14.10
N SER B 486 -5.50 3.63 15.38
CA SER B 486 -4.24 3.98 16.02
C SER B 486 -3.10 3.09 15.60
N ASP B 487 -3.42 1.91 15.11
CA ASP B 487 -2.43 0.87 15.01
C ASP B 487 -2.65 0.13 13.71
N SER B 488 -1.53 -0.24 13.09
CA SER B 488 -1.51 -0.97 11.84
C SER B 488 -1.97 -2.41 11.99
N ALA B 489 -2.23 -2.87 13.21
CA ALA B 489 -2.71 -4.22 13.41
C ALA B 489 -4.16 -4.41 13.02
N TRP B 490 -4.96 -3.34 13.00
CA TRP B 490 -6.40 -3.44 12.73
C TRP B 490 -6.69 -3.20 11.26
N LEU B 491 -7.55 -4.04 10.71
CA LEU B 491 -7.97 -3.93 9.31
C LEU B 491 -9.47 -3.67 9.28
N LYS B 492 -9.87 -2.67 8.50
CA LYS B 492 -11.28 -2.36 8.30
C LYS B 492 -11.92 -3.46 7.45
N VAL B 493 -12.91 -4.15 7.96
CA VAL B 493 -13.51 -5.20 7.20
C VAL B 493 -15.01 -5.17 7.05
N GLY B 494 -15.66 -4.34 7.82
CA GLY B 494 -17.09 -4.25 7.78
C GLY B 494 -17.66 -2.92 8.15
N ARG B 495 -18.91 -2.71 7.81
CA ARG B 495 -19.59 -1.48 8.09
C ARG B 495 -20.66 -1.53 9.15
N VAL B 496 -20.88 -0.39 9.76
CA VAL B 496 -21.90 -0.19 10.77
C VAL B 496 -21.80 -1.07 12.00
N BU0 C . 7.33 -9.32 28.58
C BU0 C . 7.68 -9.21 24.91
O BU0 C . 8.67 -8.94 23.94
C1 BU0 C . 8.01 -9.13 26.31
C10 BU0 C . 8.54 -9.00 29.03
C11 BU0 C . 9.58 -8.71 28.13
C12 BU0 C . 10.98 -8.38 28.68
C13 BU0 C . 13.52 -8.63 28.31
C14 BU0 C . 13.97 -7.17 28.27
C15 BU0 C . 13.80 -9.31 29.65
C16 BU0 C . 13.68 -8.60 30.84
C17 BU0 C . 13.97 -9.22 32.06
C18 BU0 C . 14.37 -10.55 32.09
C19 BU0 C . 14.49 -11.25 30.91
C2 BU0 C . 7.03 -9.39 27.25
C20 BU0 C . 14.20 -10.63 29.69
C21 BU0 C . 9.32 -8.78 26.75
C22 BU0 C . 5.49 -9.78 25.46
C23 BU0 C . 4.15 -10.13 25.07
C24 BU0 C . 3.86 -10.20 23.71
C25 BU0 C . 4.84 -9.94 22.76
C26 BU0 C . 6.12 -9.61 23.20
C3 BU0 C . 6.28 -9.59 29.56
C4 BU0 C . 5.86 -11.08 29.54
C5 BU0 C . 4.61 -11.42 29.07
C6 BU0 C . 4.22 -12.75 29.05
C7 BU0 C . 5.09 -13.73 29.50
C8 BU0 C . 6.33 -13.39 29.96
C9 BU0 C . 6.72 -12.06 29.98
N1 BU0 C . 8.78 -8.94 30.46
N2 BU0 C . 12.13 -8.83 27.91
N3 BU0 C . 5.78 -9.71 26.79
N4 BU0 C . 6.39 -9.54 24.54
O1 BU0 C . 11.14 -7.78 29.69
N BU0 D . -7.84 4.54 -30.25
C BU0 D . -8.02 2.74 -27.06
O BU0 D . -8.91 2.43 -26.01
C1 BU0 D . -8.41 3.52 -28.18
C10 BU0 D . -9.06 5.04 -30.41
C11 BU0 D . -10.05 4.81 -29.43
C12 BU0 D . -11.48 5.35 -29.60
C13 BU0 D . -13.96 4.67 -29.32
C14 BU0 D . -14.43 5.97 -28.69
C15 BU0 D . -14.30 4.58 -30.81
C16 BU0 D . -14.04 5.65 -31.66
C17 BU0 D . -14.34 5.58 -33.00
C18 BU0 D . -14.91 4.42 -33.51
C19 BU0 D . -15.16 3.35 -32.68
C2 BU0 D . -7.49 3.80 -29.16
C20 BU0 D . -14.86 3.43 -31.33
C21 BU0 D . -9.74 4.03 -28.31
C22 BU0 D . -5.87 2.56 -27.95
C23 BU0 D . -4.54 2.07 -27.86
C24 BU0 D . -4.19 1.30 -26.75
C25 BU0 D . -5.13 1.02 -25.75
C26 BU0 D . -6.41 1.54 -25.90
C3 BU0 D . -6.83 4.81 -31.27
C4 BU0 D . -6.67 3.56 -32.13
C5 BU0 D . -5.51 2.81 -32.03
C6 BU0 D . -5.36 1.66 -32.81
C7 BU0 D . -6.36 1.26 -33.66
C8 BU0 D . -7.53 2.01 -33.76
C9 BU0 D . -7.69 3.16 -32.99
N1 BU0 D . -9.35 5.82 -31.58
N2 BU0 D . -12.54 4.43 -29.21
N3 BU0 D . -6.22 3.31 -29.03
N4 BU0 D . -6.73 2.28 -27.00
O1 BU0 D . -11.71 6.41 -30.06
#